data_8DJ7
#
_entry.id   8DJ7
#
_cell.length_a   206.371
_cell.length_b   89.037
_cell.length_c   56.191
_cell.angle_alpha   90.000
_cell.angle_beta   96.810
_cell.angle_gamma   90.000
#
_symmetry.space_group_name_H-M   'C 1 2 1'
#
loop_
_entity.id
_entity.type
_entity.pdbx_description
1 polymer 'Ig gamma-1 Fc chain'
2 polymer 'High affinity immunoglobulin gamma Fc receptor I'
3 branched 2-acetamido-2-deoxy-beta-D-glucopyranose-(1-2)-alpha-D-mannopyranose-(1-3)-[2-acetamido-2-deoxy-beta-D-glucopyranose-(1-2)-alpha-D-mannopyranose-(1-6)]beta-D-mannopyranose-(1-4)-2-acetamido-2-deoxy-beta-D-glucopyranose-(1-4)-[alpha-L-fucopyranose-(1-6)]2-acetamido-2-deoxy-beta-D-glucopyranose
4 branched beta-D-galactopyranose-(1-4)-2-acetamido-2-deoxy-beta-D-glucopyranose-(1-2)-alpha-D-mannopyranose-(1-6)-[2-acetamido-2-deoxy-beta-D-glucopyranose-(1-2)-alpha-D-mannopyranose-(1-3)]beta-D-mannopyranose-(1-4)-2-acetamido-2-deoxy-beta-D-glucopyranose-(1-4)-[alpha-L-fucopyranose-(1-6)]2-acetamido-2-deoxy-beta-D-glucopyranose
5 non-polymer 'SULFATE ION'
6 water water
#
loop_
_entity_poly.entity_id
_entity_poly.type
_entity_poly.pdbx_seq_one_letter_code
_entity_poly.pdbx_strand_id
1 'polypeptide(L)'
;CPAPELLGGPSVFLFPPKPKDTLMISRTPEVTCVVVDVSHEDPEVKFNWYVDGVEVHNAKTKPREEQYNSTYRVVSVLTV
LHQDWLNGKEYKCKVSNKALPAPIEKTISKAKGQPREPQVYTLPPSRDELTKNQVSLTCLVKGFYPSDIAVEWESNGQPE
NNYKTTPPVLDSDGSFFLYSKLTVDKSRWQQGNVFSCSVMHEALHNHYTQKSLSLSPGK
;
B,A
2 'polypeptide(L)'
;APKAVIKLQPPWVSVFQEESVTLHCEVPHLPGSSSTQWFLNGTAIQTSTPTYHITSASEDDSGEYRCQRGLSGRSDPIQL
EVHRGWLLLQVSSRVLTEGEPLALRCHAWKDKLVYNVLYYRNGKAFKFFHWNSNLTILKTNMSHSGTYHCSGMGKRRYTS
AGISVTVKELFPAPVLTASVTSPLLEGTPVTLSCETKLLLQRPGLQLYFSFYMGSKTLRGRDTSSEYQILTARREDSGLY
WCEAATEDGNVLKRSPELELQVLGHQQPTPVHHHHHH
;
C
#
# COMPACT_ATOMS: atom_id res chain seq x y z
N ALA A 3 14.22 13.38 25.02
CA ALA A 3 13.34 12.25 24.74
C ALA A 3 13.92 11.36 23.64
N PRO A 4 13.60 10.07 23.68
CA PRO A 4 13.92 9.21 22.53
C PRO A 4 13.04 9.58 21.34
N GLU A 5 13.64 10.22 20.35
CA GLU A 5 12.87 10.75 19.23
C GLU A 5 12.34 9.61 18.36
N LEU A 6 11.21 9.89 17.71
CA LEU A 6 10.69 8.98 16.70
C LEU A 6 11.72 8.81 15.58
N LEU A 7 11.93 7.56 15.17
CA LEU A 7 12.75 7.27 14.01
C LEU A 7 12.19 7.99 12.78
N GLY A 8 13.06 8.65 12.04
CA GLY A 8 12.63 9.20 10.77
C GLY A 8 13.47 10.36 10.33
N GLY A 9 13.52 10.54 9.01
CA GLY A 9 14.19 11.66 8.38
C GLY A 9 13.47 12.12 7.13
N PRO A 10 14.19 12.83 6.26
CA PRO A 10 13.56 13.42 5.07
C PRO A 10 12.91 12.37 4.17
N SER A 11 12.02 12.86 3.31
CA SER A 11 11.32 12.04 2.33
C SER A 11 11.54 12.64 0.95
N VAL A 12 11.41 11.80 -0.07
CA VAL A 12 11.73 12.18 -1.45
C VAL A 12 10.56 11.84 -2.34
N PHE A 13 10.28 12.74 -3.30
CA PHE A 13 9.25 12.52 -4.30
C PHE A 13 9.77 12.96 -5.66
N LEU A 14 9.57 12.10 -6.65
CA LEU A 14 10.08 12.31 -8.01
C LEU A 14 8.89 12.49 -8.95
N PHE A 15 8.86 13.62 -9.66
CA PHE A 15 7.70 13.97 -10.47
C PHE A 15 8.03 13.98 -11.96
N PRO A 16 7.07 13.63 -12.80
CA PRO A 16 7.32 13.53 -14.24
C PRO A 16 7.07 14.87 -14.93
N PRO A 17 7.50 15.01 -16.19
CA PRO A 17 7.23 16.27 -16.90
C PRO A 17 5.75 16.46 -17.18
N LYS A 18 5.38 17.73 -17.32
CA LYS A 18 3.99 18.05 -17.67
C LYS A 18 3.70 17.48 -19.06
N PRO A 19 2.49 16.97 -19.29
CA PRO A 19 2.19 16.35 -20.59
C PRO A 19 2.37 17.28 -21.77
N LYS A 20 2.11 18.58 -21.61
CA LYS A 20 2.29 19.50 -22.73
C LYS A 20 3.76 19.66 -23.10
N ASP A 21 4.65 19.57 -22.11
CA ASP A 21 6.07 19.71 -22.36
C ASP A 21 6.65 18.52 -23.11
N THR A 22 6.03 17.34 -23.00
CA THR A 22 6.57 16.15 -23.62
C THR A 22 6.29 16.10 -25.12
N LEU A 23 5.20 16.72 -25.57
CA LEU A 23 4.75 16.57 -26.95
C LEU A 23 5.18 17.70 -27.87
N MET A 24 5.53 18.86 -27.33
CA MET A 24 5.95 20.02 -28.11
C MET A 24 7.45 20.21 -27.97
N ILE A 25 8.17 20.13 -29.10
CA ILE A 25 9.58 20.49 -29.08
C ILE A 25 9.77 21.96 -28.76
N SER A 26 8.72 22.77 -28.96
CA SER A 26 8.73 24.17 -28.54
C SER A 26 8.98 24.32 -27.04
N ARG A 27 8.79 23.25 -26.27
CA ARG A 27 8.91 23.28 -24.83
C ARG A 27 10.00 22.34 -24.36
N THR A 28 10.35 22.45 -23.08
CA THR A 28 11.40 21.65 -22.46
C THR A 28 10.84 20.83 -21.33
N PRO A 29 10.67 19.52 -21.48
CA PRO A 29 10.19 18.69 -20.38
C PRO A 29 11.27 18.46 -19.35
N GLU A 30 10.84 18.30 -18.09
CA GLU A 30 11.76 18.18 -16.99
C GLU A 30 11.18 17.27 -15.92
N VAL A 31 12.03 16.43 -15.32
CA VAL A 31 11.68 15.63 -14.16
C VAL A 31 12.14 16.38 -12.91
N THR A 32 11.36 16.30 -11.85
CA THR A 32 11.59 17.10 -10.66
C THR A 32 11.69 16.20 -9.43
N CYS A 33 12.78 16.36 -8.69
CA CYS A 33 13.06 15.59 -7.48
C CYS A 33 12.90 16.53 -6.29
N VAL A 34 11.90 16.28 -5.46
CA VAL A 34 11.59 17.12 -4.30
C VAL A 34 11.93 16.35 -3.03
N VAL A 35 12.67 16.98 -2.13
CA VAL A 35 13.07 16.39 -0.86
C VAL A 35 12.48 17.26 0.24
N VAL A 36 11.58 16.68 1.04
CA VAL A 36 10.93 17.40 2.12
C VAL A 36 11.39 16.84 3.45
N ASP A 37 10.98 17.51 4.53
CA ASP A 37 11.34 17.13 5.89
C ASP A 37 12.86 17.11 6.09
N VAL A 38 13.53 18.13 5.56
CA VAL A 38 14.96 18.30 5.73
C VAL A 38 15.19 19.15 6.96
N SER A 39 15.89 18.61 7.96
CA SER A 39 16.05 19.27 9.24
C SER A 39 17.07 20.40 9.15
N HIS A 40 16.89 21.41 10.00
CA HIS A 40 17.88 22.47 10.12
C HIS A 40 19.22 21.91 10.59
N GLU A 41 19.17 20.93 11.49
CA GLU A 41 20.40 20.40 12.09
C GLU A 41 21.24 19.64 11.07
N ASP A 42 20.62 19.01 10.08
CA ASP A 42 21.32 18.36 8.99
C ASP A 42 20.70 18.86 7.69
N PRO A 43 21.18 19.99 7.16
CA PRO A 43 20.51 20.62 6.02
C PRO A 43 21.09 20.24 4.67
N GLU A 44 22.29 19.66 4.68
CA GLU A 44 23.00 19.36 3.44
C GLU A 44 22.27 18.26 2.67
N VAL A 45 21.93 18.55 1.42
CA VAL A 45 21.31 17.59 0.52
C VAL A 45 22.16 17.49 -0.74
N LYS A 46 22.41 16.25 -1.17
CA LYS A 46 23.19 15.97 -2.37
C LYS A 46 22.32 15.20 -3.37
N PHE A 47 22.41 15.59 -4.64
CA PHE A 47 21.64 14.98 -5.71
C PHE A 47 22.56 14.31 -6.71
N ASN A 48 22.20 13.08 -7.10
CA ASN A 48 22.86 12.38 -8.19
C ASN A 48 21.79 11.91 -9.16
N TRP A 49 21.92 12.28 -10.42
CA TRP A 49 20.95 11.95 -11.45
C TRP A 49 21.53 10.91 -12.40
N TYR A 50 20.72 9.93 -12.77
CA TYR A 50 21.14 8.84 -13.64
C TYR A 50 20.09 8.61 -14.70
N VAL A 51 20.41 8.96 -15.94
CA VAL A 51 19.54 8.69 -17.08
C VAL A 51 19.87 7.29 -17.59
N ASP A 52 18.98 6.34 -17.31
CA ASP A 52 19.13 4.95 -17.76
C ASP A 52 20.45 4.33 -17.29
N GLY A 53 20.82 4.62 -16.06
CA GLY A 53 22.02 4.03 -15.49
C GLY A 53 23.22 4.96 -15.48
N VAL A 54 23.47 5.63 -16.59
CA VAL A 54 24.61 6.54 -16.68
C VAL A 54 24.26 7.85 -16.00
N GLU A 55 25.16 8.33 -15.15
CA GLU A 55 24.94 9.59 -14.45
C GLU A 55 25.06 10.77 -15.41
N VAL A 56 24.22 11.78 -15.19
CA VAL A 56 24.26 13.03 -15.93
C VAL A 56 24.46 14.16 -14.91
N HIS A 57 24.80 15.36 -15.43
CA HIS A 57 25.14 16.47 -14.55
C HIS A 57 24.49 17.78 -14.98
N ASN A 58 23.48 17.74 -15.85
CA ASN A 58 22.81 18.95 -16.31
C ASN A 58 21.67 19.40 -15.40
N ALA A 59 21.58 18.84 -14.20
CA ALA A 59 20.50 19.19 -13.28
C ALA A 59 20.89 20.40 -12.44
N LYS A 60 19.93 21.27 -12.18
CA LYS A 60 20.12 22.44 -11.35
C LYS A 60 19.16 22.37 -10.17
N THR A 61 19.67 22.60 -8.96
CA THR A 61 18.89 22.45 -7.74
C THR A 61 18.55 23.83 -7.18
N LYS A 62 17.29 24.01 -6.81
CA LYS A 62 16.86 25.25 -6.21
C LYS A 62 17.38 25.34 -4.77
N PRO A 63 17.56 26.56 -4.25
CA PRO A 63 18.08 26.70 -2.88
C PRO A 63 17.09 26.21 -1.84
N ARG A 64 17.61 25.95 -0.64
CA ARG A 64 16.77 25.48 0.46
C ARG A 64 15.76 26.54 0.85
N GLU A 65 14.49 26.15 0.90
CA GLU A 65 13.40 27.05 1.29
C GLU A 65 12.66 26.44 2.47
N GLU A 66 12.53 27.23 3.54
CA GLU A 66 11.94 26.73 4.78
C GLU A 66 10.42 26.81 4.71
N GLN A 67 9.77 25.72 5.08
CA GLN A 67 8.32 25.67 5.23
C GLN A 67 7.96 26.01 6.67
N TYR A 68 6.69 26.41 6.87
CA TYR A 68 6.34 26.88 8.21
C TYR A 68 6.23 25.74 9.23
N ASN A 69 6.26 24.48 8.79
CA ASN A 69 6.40 23.39 9.73
C ASN A 69 7.88 23.15 10.04
N SER A 70 8.67 24.22 10.11
CA SER A 70 10.05 24.20 10.60
C SER A 70 10.92 23.12 9.95
N THR A 71 10.75 22.92 8.65
CA THR A 71 11.58 22.01 7.87
C THR A 71 12.12 22.75 6.65
N TYR A 72 12.95 22.06 5.89
CA TYR A 72 13.45 22.56 4.61
C TYR A 72 12.89 21.69 3.49
N ARG A 73 12.80 22.29 2.30
CA ARG A 73 12.30 21.59 1.12
C ARG A 73 13.21 21.98 -0.05
N VAL A 74 14.09 21.06 -0.44
CA VAL A 74 15.05 21.28 -1.51
C VAL A 74 14.56 20.56 -2.76
N VAL A 75 14.66 21.23 -3.90
CA VAL A 75 14.14 20.74 -5.16
C VAL A 75 15.26 20.77 -6.20
N SER A 76 15.41 19.68 -6.94
CA SER A 76 16.38 19.57 -8.03
C SER A 76 15.64 19.22 -9.31
N VAL A 77 15.79 20.06 -10.32
CA VAL A 77 15.13 19.87 -11.61
C VAL A 77 16.18 19.48 -12.63
N LEU A 78 15.83 18.51 -13.48
CA LEU A 78 16.71 18.05 -14.54
C LEU A 78 15.95 18.05 -15.85
N THR A 79 16.47 18.78 -16.84
CA THR A 79 15.87 18.77 -18.17
C THR A 79 16.11 17.42 -18.84
N VAL A 80 15.10 16.94 -19.55
CA VAL A 80 15.18 15.66 -20.25
C VAL A 80 14.89 15.86 -21.72
N LEU A 81 15.44 14.98 -22.54
CA LEU A 81 15.12 14.96 -23.95
C LEU A 81 13.69 14.45 -24.17
N HIS A 82 13.03 15.01 -25.18
CA HIS A 82 11.68 14.54 -25.52
C HIS A 82 11.70 13.06 -25.84
N GLN A 83 12.44 12.67 -26.87
CA GLN A 83 12.40 11.29 -27.35
C GLN A 83 12.89 10.32 -26.29
N ASP A 84 13.78 10.75 -25.41
CA ASP A 84 14.22 9.88 -24.33
C ASP A 84 13.07 9.59 -23.36
N TRP A 85 12.30 10.62 -23.01
CA TRP A 85 11.16 10.40 -22.13
C TRP A 85 10.12 9.50 -22.79
N LEU A 86 9.81 9.75 -24.06
CA LEU A 86 8.74 9.00 -24.73
C LEU A 86 9.20 7.63 -25.22
N ASN A 87 10.51 7.38 -25.33
CA ASN A 87 10.97 6.05 -25.67
C ASN A 87 10.90 5.11 -24.47
N GLY A 88 11.08 5.64 -23.26
CA GLY A 88 10.99 4.81 -22.06
C GLY A 88 12.24 4.85 -21.22
N LYS A 89 13.02 5.92 -21.34
CA LYS A 89 14.23 6.04 -20.55
C LYS A 89 13.89 6.18 -19.07
N GLU A 90 14.68 5.51 -18.23
CA GLU A 90 14.45 5.52 -16.78
C GLU A 90 15.29 6.62 -16.15
N TYR A 91 14.63 7.51 -15.41
CA TYR A 91 15.29 8.64 -14.77
C TYR A 91 15.33 8.39 -13.26
N LYS A 92 16.54 8.36 -12.71
CA LYS A 92 16.76 8.01 -11.31
C LYS A 92 17.34 9.20 -10.57
N CYS A 93 16.67 9.61 -9.50
CA CYS A 93 17.18 10.62 -8.59
C CYS A 93 17.76 9.92 -7.36
N LYS A 94 18.93 10.39 -6.92
CA LYS A 94 19.60 9.85 -5.74
C LYS A 94 19.84 10.99 -4.76
N VAL A 95 19.21 10.90 -3.59
CA VAL A 95 19.31 11.93 -2.56
C VAL A 95 20.19 11.40 -1.44
N SER A 96 21.03 12.28 -0.90
CA SER A 96 21.94 11.93 0.18
C SER A 96 21.84 12.99 1.28
N ASN A 97 21.78 12.53 2.52
CA ASN A 97 21.60 13.42 3.66
C ASN A 97 22.05 12.68 4.91
N LYS A 98 22.64 13.42 5.85
CA LYS A 98 23.16 12.80 7.07
C LYS A 98 22.07 12.34 8.02
N ALA A 99 20.83 12.77 7.81
CA ALA A 99 19.70 12.25 8.58
C ALA A 99 19.12 10.99 7.95
N LEU A 100 19.73 10.48 6.88
CA LEU A 100 19.40 9.26 6.17
C LEU A 100 20.40 8.16 6.49
N PRO A 101 19.92 6.94 6.71
CA PRO A 101 20.87 5.82 6.88
C PRO A 101 21.58 5.46 5.59
N ALA A 102 20.98 5.78 4.45
CA ALA A 102 21.54 5.47 3.14
C ALA A 102 20.93 6.44 2.14
N PRO A 103 21.60 6.70 1.03
CA PRO A 103 20.99 7.52 -0.02
C PRO A 103 19.67 6.93 -0.48
N ILE A 104 18.67 7.79 -0.61
CA ILE A 104 17.36 7.39 -1.11
C ILE A 104 17.37 7.49 -2.62
N GLU A 105 16.83 6.47 -3.28
CA GLU A 105 16.77 6.42 -4.74
C GLU A 105 15.32 6.27 -5.18
N LYS A 106 14.92 7.09 -6.14
CA LYS A 106 13.62 7.00 -6.78
C LYS A 106 13.83 7.04 -8.29
N THR A 107 12.98 6.33 -9.03
CA THR A 107 13.09 6.24 -10.48
C THR A 107 11.72 6.51 -11.11
N ILE A 108 11.72 7.29 -12.19
CA ILE A 108 10.51 7.63 -12.91
C ILE A 108 10.71 7.32 -14.39
N SER A 109 9.63 6.89 -15.04
CA SER A 109 9.63 6.59 -16.46
C SER A 109 8.23 6.80 -17.01
N LYS A 110 8.14 6.91 -18.33
CA LYS A 110 6.84 7.04 -18.97
C LYS A 110 6.02 5.77 -18.72
N ALA A 111 4.70 5.95 -18.59
CA ALA A 111 3.82 4.83 -18.32
C ALA A 111 3.92 3.79 -19.43
N LYS A 112 4.20 2.55 -19.04
CA LYS A 112 4.31 1.48 -20.01
C LYS A 112 2.92 1.02 -20.46
N GLY A 113 2.88 0.36 -21.61
CA GLY A 113 1.62 -0.06 -22.21
C GLY A 113 1.43 0.48 -23.61
N GLN A 114 0.79 -0.30 -24.48
CA GLN A 114 0.64 0.09 -25.87
C GLN A 114 -0.15 1.38 -26.00
N PRO A 115 0.42 2.44 -26.57
CA PRO A 115 -0.33 3.68 -26.72
C PRO A 115 -1.51 3.52 -27.67
N ARG A 116 -2.58 4.25 -27.37
CA ARG A 116 -3.79 4.22 -28.18
C ARG A 116 -4.20 5.64 -28.54
N GLU A 117 -4.67 5.81 -29.77
CA GLU A 117 -4.95 7.15 -30.28
C GLU A 117 -6.25 7.69 -29.67
N PRO A 118 -6.26 8.95 -29.24
CA PRO A 118 -7.51 9.54 -28.72
C PRO A 118 -8.45 9.93 -29.85
N GLN A 119 -9.73 9.64 -29.66
CA GLN A 119 -10.79 10.10 -30.54
C GLN A 119 -11.42 11.34 -29.91
N VAL A 120 -11.58 12.39 -30.71
CA VAL A 120 -12.06 13.69 -30.22
C VAL A 120 -13.37 14.01 -30.92
N TYR A 121 -14.39 14.34 -30.13
CA TYR A 121 -15.70 14.69 -30.67
C TYR A 121 -16.21 15.94 -29.97
N THR A 122 -16.67 16.91 -30.75
CA THR A 122 -17.29 18.12 -30.22
C THR A 122 -18.80 17.91 -30.10
N LEU A 123 -19.34 18.24 -28.93
CA LEU A 123 -20.77 18.11 -28.68
C LEU A 123 -21.37 19.48 -28.46
N PRO A 124 -22.37 19.87 -29.25
CA PRO A 124 -22.98 21.18 -29.08
C PRO A 124 -23.85 21.22 -27.84
N PRO A 125 -24.36 22.40 -27.48
CA PRO A 125 -25.26 22.49 -26.32
C PRO A 125 -26.52 21.66 -26.51
N SER A 126 -27.11 21.28 -25.39
CA SER A 126 -28.38 20.58 -25.43
C SER A 126 -29.52 21.55 -25.72
N ARG A 127 -30.55 21.01 -26.36
CA ARG A 127 -31.75 21.79 -26.66
C ARG A 127 -32.25 22.52 -25.42
N ASP A 128 -32.28 21.82 -24.28
CA ASP A 128 -32.82 22.41 -23.06
C ASP A 128 -31.87 23.42 -22.42
N GLU A 129 -30.57 23.36 -22.72
CA GLU A 129 -29.65 24.33 -22.14
C GLU A 129 -29.74 25.69 -22.82
N LEU A 130 -30.33 25.74 -24.02
CA LEU A 130 -30.44 27.01 -24.73
C LEU A 130 -31.35 28.02 -24.03
N THR A 131 -32.14 27.59 -23.04
CA THR A 131 -32.91 28.57 -22.28
C THR A 131 -32.02 29.41 -21.39
N LYS A 132 -30.89 28.86 -20.96
CA LYS A 132 -29.94 29.64 -20.17
C LYS A 132 -29.16 30.57 -21.11
N ASN A 133 -28.57 31.61 -20.51
CA ASN A 133 -27.74 32.53 -21.27
C ASN A 133 -26.25 32.22 -21.17
N GLN A 134 -25.84 31.38 -20.23
CA GLN A 134 -24.52 30.77 -20.23
C GLN A 134 -24.68 29.30 -20.60
N VAL A 135 -23.88 28.85 -21.56
CA VAL A 135 -24.16 27.61 -22.28
C VAL A 135 -22.88 26.79 -22.40
N SER A 136 -23.05 25.46 -22.48
CA SER A 136 -21.94 24.51 -22.39
C SER A 136 -21.59 23.94 -23.75
N LEU A 137 -20.30 24.02 -24.10
CA LEU A 137 -19.75 23.33 -25.25
C LEU A 137 -18.87 22.19 -24.75
N THR A 138 -19.07 21.00 -25.30
CA THR A 138 -18.49 19.78 -24.77
C THR A 138 -17.52 19.17 -25.78
N CYS A 139 -16.37 18.75 -25.29
CA CYS A 139 -15.37 18.04 -26.06
C CYS A 139 -15.13 16.69 -25.40
N LEU A 140 -15.48 15.61 -26.10
CA LEU A 140 -15.28 14.25 -25.61
C LEU A 140 -13.99 13.71 -26.20
N VAL A 141 -13.13 13.17 -25.36
CA VAL A 141 -11.87 12.56 -25.77
C VAL A 141 -11.85 11.17 -25.13
N LYS A 142 -11.86 10.14 -25.97
CA LYS A 142 -11.99 8.77 -25.48
C LYS A 142 -11.01 7.86 -26.21
N GLY A 143 -10.70 6.73 -25.57
CA GLY A 143 -9.91 5.71 -26.20
C GLY A 143 -8.41 5.91 -26.19
N PHE A 144 -7.89 6.78 -25.32
CA PHE A 144 -6.47 7.11 -25.33
C PHE A 144 -5.74 6.39 -24.21
N TYR A 145 -4.49 6.02 -24.50
CA TYR A 145 -3.58 5.45 -23.53
C TYR A 145 -2.19 5.97 -23.87
N PRO A 146 -1.41 6.39 -22.87
CA PRO A 146 -1.75 6.48 -21.45
C PRO A 146 -2.59 7.71 -21.11
N SER A 147 -2.79 7.98 -19.82
CA SER A 147 -3.64 9.09 -19.41
C SER A 147 -3.01 10.45 -19.65
N ASP A 148 -1.72 10.49 -19.99
CA ASP A 148 -1.04 11.76 -20.24
C ASP A 148 -1.61 12.42 -21.48
N ILE A 149 -2.34 13.51 -21.28
CA ILE A 149 -3.00 14.22 -22.38
C ILE A 149 -3.08 15.70 -22.03
N ALA A 150 -3.32 16.52 -23.04
CA ALA A 150 -3.50 17.95 -22.86
C ALA A 150 -4.69 18.40 -23.67
N VAL A 151 -5.59 19.15 -23.05
CA VAL A 151 -6.81 19.61 -23.69
C VAL A 151 -6.97 21.10 -23.43
N GLU A 152 -7.18 21.86 -24.50
CA GLU A 152 -7.37 23.30 -24.41
C GLU A 152 -8.49 23.71 -25.34
N TRP A 153 -8.87 24.97 -25.27
CA TRP A 153 -9.92 25.53 -26.12
C TRP A 153 -9.42 26.81 -26.76
N GLU A 154 -9.80 27.03 -28.02
CA GLU A 154 -9.44 28.24 -28.75
C GLU A 154 -10.67 28.73 -29.51
N SER A 155 -10.63 29.99 -29.90
CA SER A 155 -11.61 30.54 -30.83
C SER A 155 -11.02 31.81 -31.43
N ASN A 156 -11.03 31.88 -32.77
CA ASN A 156 -10.56 33.06 -33.50
C ASN A 156 -9.12 33.39 -33.13
N GLY A 157 -8.29 32.35 -32.97
CA GLY A 157 -6.90 32.51 -32.62
C GLY A 157 -6.63 32.85 -31.16
N GLN A 158 -7.67 32.97 -30.32
CA GLN A 158 -7.50 33.36 -28.94
C GLN A 158 -7.85 32.21 -28.01
N PRO A 159 -7.15 32.05 -26.89
CA PRO A 159 -7.47 30.96 -25.96
C PRO A 159 -8.76 31.25 -25.21
N GLU A 160 -9.67 30.29 -25.23
CA GLU A 160 -10.89 30.36 -24.43
C GLU A 160 -10.63 29.63 -23.12
N ASN A 161 -10.52 30.38 -22.02
CA ASN A 161 -10.07 29.82 -20.76
C ASN A 161 -11.19 29.49 -19.80
N ASN A 162 -12.43 29.87 -20.10
CA ASN A 162 -13.55 29.64 -19.18
C ASN A 162 -14.05 28.20 -19.36
N TYR A 163 -13.18 27.25 -19.02
CA TYR A 163 -13.50 25.85 -19.22
C TYR A 163 -12.94 25.04 -18.07
N LYS A 164 -13.47 23.83 -17.94
CA LYS A 164 -12.99 22.86 -16.97
C LYS A 164 -12.95 21.49 -17.64
N THR A 165 -12.00 20.67 -17.22
CA THR A 165 -11.80 19.36 -17.83
C THR A 165 -11.80 18.31 -16.72
N THR A 166 -12.61 17.27 -16.89
CA THR A 166 -12.64 16.19 -15.92
C THR A 166 -11.29 15.49 -15.89
N PRO A 167 -10.97 14.80 -14.79
CA PRO A 167 -9.79 13.95 -14.79
C PRO A 167 -9.96 12.83 -15.79
N PRO A 168 -8.88 12.18 -16.21
CA PRO A 168 -9.04 10.97 -17.03
C PRO A 168 -9.79 9.92 -16.25
N VAL A 169 -10.59 9.12 -16.96
CA VAL A 169 -11.41 8.10 -16.32
C VAL A 169 -11.13 6.77 -17.02
N LEU A 170 -10.90 5.73 -16.22
CA LEU A 170 -10.66 4.40 -16.75
C LEU A 170 -11.93 3.85 -17.38
N ASP A 171 -11.86 3.51 -18.67
CA ASP A 171 -13.02 2.99 -19.38
C ASP A 171 -13.01 1.47 -19.35
N SER A 172 -14.14 0.89 -19.77
CA SER A 172 -14.32 -0.56 -19.67
C SER A 172 -13.30 -1.32 -20.51
N ASP A 173 -12.86 -0.73 -21.63
CA ASP A 173 -11.92 -1.39 -22.53
C ASP A 173 -10.47 -1.11 -22.17
N GLY A 174 -10.20 -0.64 -20.95
CA GLY A 174 -8.85 -0.39 -20.51
C GLY A 174 -8.25 0.93 -20.94
N SER A 175 -8.88 1.64 -21.88
CA SER A 175 -8.41 2.96 -22.28
C SER A 175 -8.97 4.02 -21.33
N PHE A 176 -8.65 5.28 -21.61
CA PHE A 176 -9.12 6.40 -20.81
C PHE A 176 -9.99 7.31 -21.64
N PHE A 177 -10.90 8.01 -20.96
CA PHE A 177 -11.66 9.08 -21.57
C PHE A 177 -11.76 10.24 -20.59
N LEU A 178 -12.12 11.40 -21.13
CA LEU A 178 -12.43 12.55 -20.32
C LEU A 178 -13.39 13.44 -21.09
N TYR A 179 -13.93 14.43 -20.40
CA TYR A 179 -14.75 15.46 -21.01
C TYR A 179 -14.20 16.82 -20.63
N SER A 180 -14.23 17.74 -21.59
CA SER A 180 -13.89 19.13 -21.36
C SER A 180 -15.14 19.96 -21.60
N LYS A 181 -15.48 20.79 -20.62
CA LYS A 181 -16.64 21.67 -20.72
C LYS A 181 -16.13 23.10 -20.84
N LEU A 182 -16.46 23.76 -21.95
CA LEU A 182 -16.20 25.18 -22.13
C LEU A 182 -17.51 25.93 -21.96
N THR A 183 -17.53 26.90 -21.06
CA THR A 183 -18.71 27.72 -20.83
C THR A 183 -18.54 29.03 -21.60
N VAL A 184 -19.49 29.31 -22.49
CA VAL A 184 -19.51 30.53 -23.27
C VAL A 184 -20.89 31.15 -23.13
N ASP A 185 -20.96 32.47 -23.28
CA ASP A 185 -22.25 33.13 -23.27
C ASP A 185 -23.03 32.75 -24.50
N LYS A 186 -24.34 32.50 -24.32
CA LYS A 186 -25.20 32.11 -25.43
C LYS A 186 -25.16 33.13 -26.57
N SER A 187 -24.81 34.38 -26.26
CA SER A 187 -24.62 35.39 -27.31
C SER A 187 -23.60 34.91 -28.33
N ARG A 188 -22.44 34.44 -27.86
CA ARG A 188 -21.37 34.04 -28.76
C ARG A 188 -21.73 32.80 -29.56
N TRP A 189 -22.47 31.87 -28.95
CA TRP A 189 -22.84 30.63 -29.65
C TRP A 189 -23.82 30.90 -30.76
N GLN A 190 -24.81 31.78 -30.52
CA GLN A 190 -25.81 32.06 -31.54
C GLN A 190 -25.31 33.02 -32.62
N GLN A 191 -24.24 33.78 -32.35
CA GLN A 191 -23.68 34.63 -33.39
C GLN A 191 -22.89 33.86 -34.43
N GLY A 192 -22.70 32.56 -34.24
CA GLY A 192 -22.03 31.72 -35.21
C GLY A 192 -20.53 31.56 -35.02
N ASN A 193 -19.98 31.99 -33.90
CA ASN A 193 -18.55 31.86 -33.68
C ASN A 193 -18.13 30.40 -33.68
N VAL A 194 -16.92 30.16 -34.18
CA VAL A 194 -16.35 28.82 -34.23
C VAL A 194 -15.42 28.65 -33.05
N PHE A 195 -15.67 27.61 -32.25
CA PHE A 195 -14.83 27.26 -31.12
C PHE A 195 -14.11 25.96 -31.43
N SER A 196 -12.92 25.80 -30.85
CA SER A 196 -12.09 24.64 -31.16
C SER A 196 -11.61 23.97 -29.87
N CYS A 197 -11.68 22.65 -29.88
CA CYS A 197 -11.07 21.81 -28.84
C CYS A 197 -9.74 21.30 -29.38
N SER A 198 -8.66 21.62 -28.69
CA SER A 198 -7.31 21.23 -29.09
C SER A 198 -6.81 20.16 -28.13
N VAL A 199 -6.34 19.04 -28.68
CA VAL A 199 -5.92 17.89 -27.90
C VAL A 199 -4.50 17.52 -28.31
N MET A 200 -3.67 17.16 -27.33
CA MET A 200 -2.30 16.73 -27.57
C MET A 200 -2.04 15.43 -26.83
N HIS A 201 -1.55 14.43 -27.56
CA HIS A 201 -1.32 13.10 -27.03
C HIS A 201 -0.28 12.41 -27.90
N GLU A 202 0.51 11.55 -27.27
CA GLU A 202 1.65 10.94 -27.98
C GLU A 202 1.20 10.06 -29.13
N ALA A 203 0.01 9.48 -29.06
CA ALA A 203 -0.49 8.63 -30.12
C ALA A 203 -1.16 9.40 -31.24
N LEU A 204 -1.34 10.71 -31.10
CA LEU A 204 -1.83 11.52 -32.19
C LEU A 204 -0.73 11.71 -33.24
N HIS A 205 -1.13 11.83 -34.50
CA HIS A 205 -0.18 12.20 -35.53
C HIS A 205 0.21 13.67 -35.35
N ASN A 206 1.50 13.95 -35.39
CA ASN A 206 2.06 15.25 -35.01
C ASN A 206 1.72 15.61 -33.57
N HIS A 207 1.33 14.62 -32.77
CA HIS A 207 0.95 14.77 -31.37
C HIS A 207 -0.20 15.74 -31.16
N TYR A 208 -0.92 16.09 -32.21
CA TYR A 208 -1.92 17.15 -32.14
C TYR A 208 -3.11 16.82 -33.03
N THR A 209 -4.29 17.20 -32.55
CA THR A 209 -5.51 17.18 -33.34
C THR A 209 -6.45 18.21 -32.75
N GLN A 210 -7.30 18.78 -33.59
CA GLN A 210 -8.26 19.76 -33.13
C GLN A 210 -9.60 19.52 -33.81
N LYS A 211 -10.67 19.64 -33.03
CA LYS A 211 -12.04 19.52 -33.54
C LYS A 211 -12.75 20.83 -33.24
N SER A 212 -13.46 21.36 -34.22
CA SER A 212 -14.12 22.64 -34.09
C SER A 212 -15.63 22.44 -34.01
N LEU A 213 -16.30 23.49 -33.55
CA LEU A 213 -17.71 23.39 -33.20
C LEU A 213 -18.38 24.74 -33.41
N SER A 214 -19.56 24.71 -34.04
CA SER A 214 -20.38 25.90 -34.19
C SER A 214 -21.79 25.45 -34.54
N LEU A 215 -22.72 26.41 -34.53
CA LEU A 215 -24.12 26.08 -34.78
C LEU A 215 -24.32 25.60 -36.21
N SER A 216 -25.10 24.52 -36.35
CA SER A 216 -25.24 23.87 -37.66
C SER A 216 -25.83 24.80 -38.71
N PRO A 217 -26.99 25.45 -38.51
CA PRO A 217 -27.38 26.41 -39.54
C PRO A 217 -26.97 27.84 -39.16
N PRO B 4 3.99 13.60 21.97
CA PRO B 4 4.38 12.21 21.71
C PRO B 4 4.12 11.28 22.90
N GLU B 5 5.14 10.52 23.31
CA GLU B 5 5.13 9.70 24.52
C GLU B 5 4.24 8.47 24.41
N LEU B 6 2.92 8.67 24.27
CA LEU B 6 1.95 7.59 24.30
C LEU B 6 1.60 7.07 22.90
N LEU B 7 2.41 7.40 21.90
CA LEU B 7 2.14 6.99 20.52
C LEU B 7 1.96 5.48 20.43
N GLY B 8 1.02 5.09 19.58
CA GLY B 8 0.66 3.69 19.41
C GLY B 8 -0.83 3.48 19.61
N GLY B 9 -1.24 2.24 19.34
CA GLY B 9 -2.61 1.86 19.52
C GLY B 9 -3.42 1.95 18.24
N PRO B 10 -4.70 1.61 18.33
CA PRO B 10 -5.54 1.54 17.13
C PRO B 10 -5.78 2.91 16.52
N SER B 11 -6.23 2.88 15.27
CA SER B 11 -6.70 4.05 14.54
C SER B 11 -8.18 3.87 14.24
N VAL B 12 -8.83 4.97 13.85
CA VAL B 12 -10.29 5.02 13.71
C VAL B 12 -10.64 5.78 12.45
N PHE B 13 -11.53 5.22 11.66
CA PHE B 13 -11.99 5.85 10.43
C PHE B 13 -13.51 5.82 10.41
N LEU B 14 -14.10 6.94 10.02
CA LEU B 14 -15.53 7.15 10.10
C LEU B 14 -16.05 7.47 8.72
N PHE B 15 -16.98 6.66 8.23
CA PHE B 15 -17.37 6.74 6.83
C PHE B 15 -18.82 7.20 6.66
N PRO B 16 -19.10 8.03 5.67
CA PRO B 16 -20.45 8.55 5.48
C PRO B 16 -21.35 7.48 4.88
N PRO B 17 -22.67 7.72 4.85
CA PRO B 17 -23.56 6.80 4.12
C PRO B 17 -23.46 7.03 2.63
N LYS B 18 -23.90 6.03 1.88
CA LYS B 18 -23.92 6.13 0.43
C LYS B 18 -24.98 7.16 0.01
N PRO B 19 -24.68 8.01 -0.98
CA PRO B 19 -25.67 9.02 -1.39
C PRO B 19 -27.04 8.46 -1.73
N LYS B 20 -27.11 7.38 -2.53
CA LYS B 20 -28.40 6.76 -2.84
C LYS B 20 -29.16 6.39 -1.56
N ASP B 21 -28.45 5.90 -0.55
CA ASP B 21 -29.10 5.48 0.68
C ASP B 21 -29.72 6.62 1.46
N THR B 22 -29.23 7.84 1.28
CA THR B 22 -29.81 8.98 1.99
C THR B 22 -30.97 9.61 1.25
N LEU B 23 -31.14 9.29 -0.04
CA LEU B 23 -32.12 9.94 -0.89
C LEU B 23 -33.38 9.09 -1.12
N MET B 24 -33.36 7.82 -0.73
CA MET B 24 -34.52 6.94 -0.86
C MET B 24 -34.90 6.43 0.52
N ILE B 25 -36.15 6.70 0.93
CA ILE B 25 -36.57 6.37 2.28
C ILE B 25 -36.65 4.87 2.52
N SER B 26 -36.66 4.06 1.46
CA SER B 26 -36.73 2.62 1.63
C SER B 26 -35.35 2.00 1.88
N ARG B 27 -34.29 2.69 1.50
CA ARG B 27 -32.93 2.23 1.77
C ARG B 27 -32.50 2.66 3.17
N THR B 28 -31.40 2.07 3.63
CA THR B 28 -30.92 2.28 5.00
C THR B 28 -29.57 2.96 4.99
N PRO B 29 -29.51 4.28 5.13
CA PRO B 29 -28.22 4.97 5.22
C PRO B 29 -27.57 4.73 6.57
N GLU B 30 -26.25 4.56 6.55
CA GLU B 30 -25.49 4.25 7.75
C GLU B 30 -24.17 5.00 7.72
N VAL B 31 -23.74 5.46 8.90
CA VAL B 31 -22.36 5.91 9.09
C VAL B 31 -21.62 4.77 9.76
N THR B 32 -20.36 4.59 9.37
CA THR B 32 -19.59 3.41 9.73
C THR B 32 -18.30 3.83 10.41
N CYS B 33 -18.09 3.34 11.63
CA CYS B 33 -16.89 3.61 12.41
C CYS B 33 -16.04 2.35 12.44
N VAL B 34 -14.85 2.42 11.84
CA VAL B 34 -13.95 1.28 11.70
C VAL B 34 -12.73 1.53 12.57
N VAL B 35 -12.39 0.56 13.42
CA VAL B 35 -11.18 0.61 14.24
C VAL B 35 -10.23 -0.46 13.74
N VAL B 36 -9.03 -0.04 13.35
CA VAL B 36 -7.98 -0.92 12.89
C VAL B 36 -6.80 -0.86 13.86
N ASP B 37 -5.83 -1.75 13.64
CA ASP B 37 -4.63 -1.83 14.49
C ASP B 37 -4.99 -2.13 15.95
N VAL B 38 -5.95 -3.04 16.14
CA VAL B 38 -6.28 -3.56 17.46
C VAL B 38 -5.44 -4.80 17.70
N SER B 39 -4.72 -4.83 18.82
CA SER B 39 -3.83 -5.93 19.12
C SER B 39 -4.60 -7.09 19.74
N HIS B 40 -3.98 -8.28 19.67
CA HIS B 40 -4.51 -9.43 20.40
C HIS B 40 -4.43 -9.22 21.90
N GLU B 41 -3.40 -8.51 22.37
CA GLU B 41 -3.18 -8.34 23.80
C GLU B 41 -4.22 -7.41 24.43
N ASP B 42 -4.68 -6.40 23.69
CA ASP B 42 -5.68 -5.46 24.18
C ASP B 42 -6.81 -5.45 23.15
N PRO B 43 -7.66 -6.49 23.15
CA PRO B 43 -8.57 -6.69 22.03
C PRO B 43 -9.93 -6.00 22.17
N GLU B 44 -10.32 -5.59 23.38
CA GLU B 44 -11.68 -5.12 23.59
C GLU B 44 -11.81 -3.64 23.25
N VAL B 45 -12.78 -3.33 22.40
CA VAL B 45 -13.02 -1.98 21.89
C VAL B 45 -14.42 -1.56 22.30
N LYS B 46 -14.57 -0.30 22.72
CA LYS B 46 -15.84 0.26 23.14
C LYS B 46 -16.19 1.46 22.26
N PHE B 47 -17.42 1.51 21.80
CA PHE B 47 -17.90 2.59 20.95
C PHE B 47 -18.96 3.40 21.69
N ASN B 48 -18.89 4.72 21.56
CA ASN B 48 -19.96 5.63 21.96
C ASN B 48 -20.33 6.51 20.77
N TRP B 49 -21.61 6.57 20.45
CA TRP B 49 -22.10 7.33 19.32
C TRP B 49 -22.89 8.55 19.80
N TYR B 50 -22.64 9.69 19.17
CA TYR B 50 -23.35 10.93 19.49
C TYR B 50 -23.88 11.54 18.20
N VAL B 51 -25.08 12.09 18.28
CA VAL B 51 -25.73 12.78 17.17
C VAL B 51 -25.97 14.21 17.62
N ASP B 52 -25.29 15.17 17.00
CA ASP B 52 -25.30 16.56 17.43
C ASP B 52 -24.98 16.69 18.91
N GLY B 53 -24.16 15.77 19.42
CA GLY B 53 -23.57 15.92 20.73
C GLY B 53 -24.26 15.21 21.88
N VAL B 54 -25.35 14.48 21.62
CA VAL B 54 -25.99 13.68 22.66
C VAL B 54 -25.98 12.22 22.23
N GLU B 55 -25.73 11.33 23.19
CA GLU B 55 -25.40 9.94 22.91
C GLU B 55 -26.63 9.17 22.43
N VAL B 56 -26.41 8.32 21.42
CA VAL B 56 -27.42 7.37 20.96
C VAL B 56 -26.86 5.96 21.15
N HIS B 57 -27.78 4.97 21.23
CA HIS B 57 -27.43 3.64 21.69
C HIS B 57 -27.90 2.53 20.75
N ASN B 58 -28.18 2.84 19.49
CA ASN B 58 -28.73 1.86 18.57
C ASN B 58 -27.72 1.40 17.52
N ALA B 59 -26.45 1.72 17.67
CA ALA B 59 -25.46 1.23 16.72
C ALA B 59 -25.33 -0.28 16.83
N LYS B 60 -24.85 -0.89 15.74
CA LYS B 60 -24.64 -2.33 15.69
C LYS B 60 -23.14 -2.57 15.53
N THR B 61 -22.57 -3.32 16.47
CA THR B 61 -21.14 -3.53 16.53
C THR B 61 -20.82 -4.99 16.23
N LYS B 62 -20.12 -5.23 15.14
CA LYS B 62 -19.70 -6.56 14.75
C LYS B 62 -18.53 -7.02 15.61
N PRO B 63 -18.39 -8.32 15.81
CA PRO B 63 -17.23 -8.83 16.56
C PRO B 63 -15.94 -8.60 15.79
N ARG B 64 -14.84 -8.57 16.54
CA ARG B 64 -13.53 -8.33 15.94
C ARG B 64 -13.17 -9.44 14.97
N GLU B 65 -12.42 -9.07 13.93
CA GLU B 65 -11.99 -10.02 12.90
C GLU B 65 -10.50 -9.89 12.68
N GLU B 66 -9.79 -11.02 12.72
CA GLU B 66 -8.36 -10.99 12.51
C GLU B 66 -8.05 -10.62 11.05
N GLN B 67 -7.24 -9.58 10.88
CA GLN B 67 -6.76 -9.19 9.58
C GLN B 67 -5.55 -10.04 9.19
N TYR B 68 -5.15 -9.91 7.92
CA TYR B 68 -4.04 -10.72 7.41
C TYR B 68 -2.69 -10.28 7.97
N ASN B 69 -2.59 -9.05 8.48
CA ASN B 69 -1.35 -8.57 9.09
C ASN B 69 -1.28 -8.85 10.58
N SER B 70 -2.05 -9.82 11.08
CA SER B 70 -2.08 -10.29 12.46
C SER B 70 -2.86 -9.35 13.39
N THR B 71 -3.27 -8.17 12.94
CA THR B 71 -4.02 -7.25 13.77
C THR B 71 -5.52 -7.53 13.68
N TYR B 72 -6.26 -6.99 14.65
CA TYR B 72 -7.72 -7.08 14.66
C TYR B 72 -8.34 -5.82 14.08
N ARG B 73 -9.55 -5.98 13.56
CA ARG B 73 -10.37 -4.91 13.01
C ARG B 73 -11.76 -5.04 13.58
N VAL B 74 -12.35 -3.93 14.04
CA VAL B 74 -13.67 -3.92 14.64
C VAL B 74 -14.49 -2.80 14.03
N VAL B 75 -15.74 -3.10 13.67
CA VAL B 75 -16.59 -2.19 12.92
C VAL B 75 -17.89 -1.99 13.69
N SER B 76 -18.31 -0.73 13.81
CA SER B 76 -19.59 -0.37 14.38
C SER B 76 -20.36 0.46 13.37
N VAL B 77 -21.63 0.12 13.18
CA VAL B 77 -22.48 0.71 12.16
C VAL B 77 -23.66 1.39 12.84
N LEU B 78 -23.86 2.67 12.55
CA LEU B 78 -24.99 3.43 13.09
C LEU B 78 -25.94 3.77 11.95
N THR B 79 -27.12 3.16 11.97
CA THR B 79 -28.19 3.60 11.06
C THR B 79 -28.59 5.03 11.37
N VAL B 80 -28.72 5.85 10.34
CA VAL B 80 -29.07 7.25 10.51
C VAL B 80 -30.41 7.50 9.82
N LEU B 81 -31.12 8.51 10.31
CA LEU B 81 -32.33 8.97 9.64
C LEU B 81 -31.96 9.80 8.43
N HIS B 82 -32.66 9.56 7.32
CA HIS B 82 -32.40 10.29 6.08
C HIS B 82 -32.38 11.79 6.31
N GLN B 83 -33.42 12.31 6.96
CA GLN B 83 -33.54 13.75 7.12
C GLN B 83 -32.48 14.30 8.07
N ASP B 84 -32.09 13.52 9.07
CA ASP B 84 -31.02 13.94 9.96
C ASP B 84 -29.72 14.15 9.19
N TRP B 85 -29.37 13.22 8.31
CA TRP B 85 -28.15 13.39 7.51
C TRP B 85 -28.29 14.56 6.55
N LEU B 86 -29.45 14.68 5.89
CA LEU B 86 -29.64 15.77 4.95
C LEU B 86 -29.68 17.12 5.64
N ASN B 87 -30.18 17.18 6.87
CA ASN B 87 -30.29 18.44 7.60
C ASN B 87 -28.99 18.86 8.27
N GLY B 88 -27.88 18.14 8.03
CA GLY B 88 -26.59 18.58 8.50
C GLY B 88 -26.20 18.15 9.90
N LYS B 89 -26.83 17.12 10.45
CA LYS B 89 -26.47 16.68 11.79
C LYS B 89 -25.06 16.08 11.81
N GLU B 90 -24.41 16.21 12.95
CA GLU B 90 -23.02 15.78 13.11
C GLU B 90 -22.99 14.44 13.85
N TYR B 91 -22.40 13.44 13.22
CA TYR B 91 -22.32 12.10 13.81
C TYR B 91 -20.91 11.88 14.35
N LYS B 92 -20.82 11.61 15.65
CA LYS B 92 -19.54 11.39 16.30
C LYS B 92 -19.44 9.95 16.78
N CYS B 93 -18.29 9.33 16.53
CA CYS B 93 -17.95 8.02 17.05
C CYS B 93 -16.79 8.19 18.03
N LYS B 94 -16.94 7.66 19.23
CA LYS B 94 -15.91 7.73 20.26
C LYS B 94 -15.43 6.32 20.55
N VAL B 95 -14.15 6.07 20.33
CA VAL B 95 -13.56 4.74 20.42
C VAL B 95 -12.66 4.69 21.65
N SER B 96 -12.88 3.67 22.49
CA SER B 96 -12.11 3.49 23.72
C SER B 96 -11.55 2.08 23.78
N ASN B 97 -10.32 1.97 24.28
CA ASN B 97 -9.55 0.74 24.34
C ASN B 97 -8.33 1.01 25.20
N LYS B 98 -7.92 0.03 26.01
CA LYS B 98 -6.89 0.32 26.99
C LYS B 98 -5.53 0.60 26.35
N ALA B 99 -5.33 0.19 25.10
CA ALA B 99 -4.15 0.63 24.36
C ALA B 99 -4.25 2.08 23.90
N LEU B 100 -5.39 2.74 24.15
CA LEU B 100 -5.55 4.17 23.95
C LEU B 100 -5.55 4.85 25.31
N PRO B 101 -4.67 5.83 25.55
CA PRO B 101 -4.71 6.54 26.85
C PRO B 101 -5.82 7.58 26.92
N ALA B 102 -6.37 7.99 25.79
CA ALA B 102 -7.50 8.90 25.74
C ALA B 102 -8.33 8.40 24.56
N PRO B 103 -9.66 8.34 24.70
CA PRO B 103 -10.49 7.85 23.59
C PRO B 103 -10.24 8.64 22.31
N ILE B 104 -10.52 8.01 21.17
CA ILE B 104 -10.42 8.64 19.87
C ILE B 104 -11.81 9.00 19.39
N GLU B 105 -12.00 10.25 18.96
CA GLU B 105 -13.28 10.74 18.51
C GLU B 105 -13.17 11.19 17.07
N LYS B 106 -14.13 10.80 16.25
CA LYS B 106 -14.23 11.26 14.88
C LYS B 106 -15.63 11.79 14.65
N THR B 107 -15.73 12.83 13.82
CA THR B 107 -17.00 13.49 13.56
C THR B 107 -17.17 13.64 12.05
N ILE B 108 -18.35 13.28 11.55
CA ILE B 108 -18.65 13.39 10.14
C ILE B 108 -20.06 13.96 9.98
N SER B 109 -20.26 14.69 8.89
CA SER B 109 -21.57 15.26 8.57
C SER B 109 -21.60 15.53 7.08
N LYS B 110 -22.77 15.90 6.58
CA LYS B 110 -22.88 16.31 5.19
C LYS B 110 -22.10 17.61 4.97
N ALA B 111 -21.55 17.75 3.77
CA ALA B 111 -20.90 19.00 3.40
C ALA B 111 -21.86 20.16 3.60
N LYS B 112 -21.33 21.28 4.06
CA LYS B 112 -22.17 22.44 4.37
C LYS B 112 -22.30 23.35 3.16
N GLY B 113 -23.30 24.22 3.21
CA GLY B 113 -23.60 25.11 2.12
C GLY B 113 -24.98 24.88 1.54
N GLN B 114 -25.59 25.93 0.99
CA GLN B 114 -26.93 25.82 0.47
C GLN B 114 -26.97 24.80 -0.67
N PRO B 115 -27.89 23.84 -0.65
CA PRO B 115 -27.94 22.85 -1.74
C PRO B 115 -28.46 23.47 -3.02
N ARG B 116 -27.85 23.09 -4.14
CA ARG B 116 -28.19 23.62 -5.44
C ARG B 116 -28.61 22.49 -6.37
N GLU B 117 -29.65 22.74 -7.15
CA GLU B 117 -30.27 21.70 -7.95
C GLU B 117 -29.48 21.44 -9.23
N PRO B 118 -29.17 20.19 -9.55
CA PRO B 118 -28.44 19.89 -10.79
C PRO B 118 -29.30 20.08 -12.02
N GLN B 119 -28.66 20.56 -13.09
CA GLN B 119 -29.26 20.61 -14.41
C GLN B 119 -28.76 19.42 -15.20
N VAL B 120 -29.68 18.71 -15.84
CA VAL B 120 -29.35 17.47 -16.54
C VAL B 120 -29.60 17.67 -18.03
N TYR B 121 -28.56 17.49 -18.83
CA TYR B 121 -28.65 17.63 -20.27
C TYR B 121 -28.07 16.38 -20.93
N THR B 122 -28.87 15.73 -21.76
CA THR B 122 -28.39 14.62 -22.56
C THR B 122 -27.92 15.14 -23.90
N LEU B 123 -26.77 14.65 -24.34
CA LEU B 123 -26.18 15.04 -25.61
C LEU B 123 -26.03 13.83 -26.50
N PRO B 124 -26.53 13.87 -27.73
CA PRO B 124 -26.41 12.72 -28.63
C PRO B 124 -24.97 12.53 -29.07
N PRO B 125 -24.65 11.38 -29.66
CA PRO B 125 -23.29 11.18 -30.18
C PRO B 125 -22.98 12.21 -31.25
N SER B 126 -21.71 12.61 -31.33
CA SER B 126 -21.27 13.47 -32.40
C SER B 126 -21.36 12.73 -33.73
N ARG B 127 -21.57 13.49 -34.80
CA ARG B 127 -21.69 12.89 -36.13
C ARG B 127 -20.46 12.08 -36.49
N ASP B 128 -19.28 12.54 -36.08
CA ASP B 128 -18.05 11.85 -36.42
C ASP B 128 -17.97 10.46 -35.78
N GLU B 129 -18.61 10.28 -34.62
CA GLU B 129 -18.58 8.98 -33.96
C GLU B 129 -19.50 7.96 -34.60
N LEU B 130 -20.42 8.39 -35.47
CA LEU B 130 -21.38 7.47 -36.05
C LEU B 130 -20.74 6.44 -36.97
N THR B 131 -19.51 6.68 -37.44
CA THR B 131 -18.87 5.74 -38.34
C THR B 131 -18.32 4.50 -37.64
N LYS B 132 -18.39 4.43 -36.32
CA LYS B 132 -17.77 3.34 -35.58
C LYS B 132 -18.83 2.38 -35.03
N ASN B 133 -18.35 1.28 -34.46
CA ASN B 133 -19.25 0.21 -34.03
C ASN B 133 -20.13 0.66 -32.86
N GLN B 134 -19.54 1.27 -31.84
CA GLN B 134 -20.27 1.73 -30.67
C GLN B 134 -20.27 3.25 -30.60
N VAL B 135 -21.35 3.81 -30.07
CA VAL B 135 -21.51 5.25 -29.96
C VAL B 135 -21.65 5.63 -28.48
N SER B 136 -21.29 6.87 -28.18
CA SER B 136 -21.25 7.38 -26.81
C SER B 136 -22.42 8.32 -26.58
N LEU B 137 -23.34 7.91 -25.73
CA LEU B 137 -24.36 8.80 -25.19
C LEU B 137 -23.81 9.47 -23.95
N THR B 138 -24.08 10.77 -23.82
CA THR B 138 -23.47 11.56 -22.75
C THR B 138 -24.55 12.27 -21.95
N CYS B 139 -24.42 12.22 -20.63
CA CYS B 139 -25.30 12.92 -19.70
C CYS B 139 -24.45 13.98 -19.01
N LEU B 140 -24.74 15.24 -19.28
CA LEU B 140 -24.09 16.35 -18.57
C LEU B 140 -24.94 16.73 -17.37
N VAL B 141 -24.36 16.69 -16.18
CA VAL B 141 -25.03 17.10 -14.94
C VAL B 141 -24.20 18.21 -14.32
N LYS B 142 -24.78 19.40 -14.20
CA LYS B 142 -24.03 20.55 -13.74
C LYS B 142 -24.83 21.36 -12.73
N GLY B 143 -24.11 22.18 -11.98
CA GLY B 143 -24.73 23.14 -11.08
C GLY B 143 -25.30 22.56 -9.80
N PHE B 144 -24.79 21.43 -9.32
CA PHE B 144 -25.31 20.81 -8.12
C PHE B 144 -24.35 20.94 -6.95
N TYR B 145 -24.91 21.03 -5.75
CA TYR B 145 -24.18 21.08 -4.50
C TYR B 145 -25.07 20.49 -3.42
N PRO B 146 -24.53 19.63 -2.55
CA PRO B 146 -23.14 19.13 -2.49
C PRO B 146 -22.82 18.11 -3.56
N SER B 147 -21.61 17.53 -3.54
CA SER B 147 -21.17 16.62 -4.59
C SER B 147 -21.79 15.23 -4.46
N ASP B 148 -22.57 14.97 -3.43
CA ASP B 148 -23.24 13.68 -3.28
C ASP B 148 -24.31 13.55 -4.37
N ILE B 149 -24.11 12.61 -5.28
CA ILE B 149 -25.01 12.44 -6.42
C ILE B 149 -24.92 11.02 -6.94
N ALA B 150 -25.89 10.60 -7.75
CA ALA B 150 -25.90 9.26 -8.32
C ALA B 150 -26.50 9.34 -9.72
N VAL B 151 -25.84 8.72 -10.69
CA VAL B 151 -26.22 8.78 -12.09
C VAL B 151 -26.33 7.37 -12.64
N GLU B 152 -27.45 7.08 -13.31
CA GLU B 152 -27.72 5.76 -13.85
C GLU B 152 -28.36 5.89 -15.22
N TRP B 153 -28.22 4.83 -16.01
CA TRP B 153 -28.82 4.77 -17.34
C TRP B 153 -29.82 3.62 -17.40
N GLU B 154 -30.81 3.79 -18.27
CA GLU B 154 -31.95 2.89 -18.33
C GLU B 154 -32.57 3.00 -19.71
N SER B 155 -33.13 1.88 -20.18
CA SER B 155 -33.93 1.87 -21.39
C SER B 155 -34.90 0.71 -21.31
N ASN B 156 -36.19 0.99 -21.52
CA ASN B 156 -37.25 -0.02 -21.50
C ASN B 156 -37.26 -0.79 -20.19
N GLY B 157 -37.15 -0.06 -19.08
CA GLY B 157 -37.27 -0.64 -17.76
C GLY B 157 -36.11 -1.51 -17.31
N GLN B 158 -35.02 -1.57 -18.07
CA GLN B 158 -33.87 -2.34 -17.65
C GLN B 158 -32.62 -1.46 -17.60
N PRO B 159 -31.72 -1.72 -16.67
CA PRO B 159 -30.49 -0.91 -16.59
C PRO B 159 -29.59 -1.15 -17.78
N GLU B 160 -28.77 -0.14 -18.09
CA GLU B 160 -27.74 -0.26 -19.11
C GLU B 160 -26.42 -0.58 -18.43
N ASN B 161 -25.77 -1.63 -18.90
CA ASN B 161 -24.59 -2.14 -18.21
C ASN B 161 -23.37 -1.27 -18.47
N ASN B 162 -23.26 -0.71 -19.68
CA ASN B 162 -21.99 -0.20 -20.20
C ASN B 162 -21.97 1.33 -20.14
N TYR B 163 -21.78 1.87 -18.93
CA TYR B 163 -21.64 3.31 -18.78
C TYR B 163 -20.59 3.63 -17.72
N LYS B 164 -19.98 4.81 -17.86
CA LYS B 164 -18.98 5.31 -16.92
C LYS B 164 -19.25 6.79 -16.66
N THR B 165 -19.06 7.19 -15.40
CA THR B 165 -19.35 8.55 -14.96
C THR B 165 -18.08 9.15 -14.35
N THR B 166 -17.72 10.34 -14.82
CA THR B 166 -16.56 11.02 -14.26
C THR B 166 -16.83 11.38 -12.81
N PRO B 167 -15.77 11.59 -12.02
CA PRO B 167 -15.95 12.14 -10.69
C PRO B 167 -16.57 13.53 -10.76
N PRO B 168 -17.17 14.01 -9.69
CA PRO B 168 -17.60 15.42 -9.67
C PRO B 168 -16.38 16.34 -9.83
N VAL B 169 -16.58 17.44 -10.54
CA VAL B 169 -15.54 18.42 -10.75
C VAL B 169 -16.05 19.76 -10.26
N LEU B 170 -15.22 20.45 -9.47
CA LEU B 170 -15.61 21.76 -8.96
C LEU B 170 -15.57 22.79 -10.09
N ASP B 171 -16.69 23.49 -10.28
CA ASP B 171 -16.82 24.48 -11.34
C ASP B 171 -16.52 25.87 -10.79
N SER B 172 -16.57 26.87 -11.67
CA SER B 172 -16.18 28.23 -11.32
C SER B 172 -17.02 28.77 -10.17
N ASP B 173 -18.33 28.56 -10.21
CA ASP B 173 -19.25 29.19 -9.26
C ASP B 173 -19.34 28.45 -7.93
N GLY B 174 -18.49 27.46 -7.68
CA GLY B 174 -18.57 26.67 -6.47
C GLY B 174 -19.46 25.45 -6.55
N SER B 175 -20.21 25.29 -7.62
CA SER B 175 -21.01 24.08 -7.83
C SER B 175 -20.18 23.02 -8.54
N PHE B 176 -20.72 21.81 -8.60
CA PHE B 176 -20.07 20.68 -9.22
C PHE B 176 -20.74 20.30 -10.53
N PHE B 177 -19.98 19.67 -11.41
CA PHE B 177 -20.52 19.08 -12.61
C PHE B 177 -19.84 17.75 -12.86
N LEU B 178 -20.49 16.93 -13.68
CA LEU B 178 -19.91 15.66 -14.10
C LEU B 178 -20.49 15.32 -15.47
N TYR B 179 -19.88 14.33 -16.09
CA TYR B 179 -20.41 13.75 -17.32
C TYR B 179 -20.54 12.24 -17.12
N SER B 180 -21.50 11.65 -17.81
CA SER B 180 -21.69 10.21 -17.81
C SER B 180 -21.74 9.72 -19.24
N LYS B 181 -20.89 8.77 -19.58
CA LYS B 181 -20.81 8.25 -20.95
C LYS B 181 -21.39 6.83 -20.96
N LEU B 182 -22.50 6.66 -21.66
CA LEU B 182 -23.09 5.35 -21.89
C LEU B 182 -22.71 4.91 -23.29
N THR B 183 -22.07 3.74 -23.38
CA THR B 183 -21.63 3.17 -24.65
C THR B 183 -22.67 2.15 -25.11
N VAL B 184 -23.31 2.42 -26.25
CA VAL B 184 -24.30 1.52 -26.82
C VAL B 184 -23.90 1.21 -28.26
N ASP B 185 -24.39 0.06 -28.73
CA ASP B 185 -24.14 -0.34 -30.11
C ASP B 185 -24.86 0.60 -31.07
N LYS B 186 -24.15 1.01 -32.12
CA LYS B 186 -24.70 1.96 -33.09
C LYS B 186 -26.03 1.48 -33.67
N SER B 187 -26.22 0.16 -33.77
CA SER B 187 -27.47 -0.36 -34.32
C SER B 187 -28.66 0.03 -33.45
N ARG B 188 -28.54 -0.14 -32.13
CA ARG B 188 -29.64 0.20 -31.23
C ARG B 188 -29.94 1.69 -31.26
N TRP B 189 -28.90 2.52 -31.34
CA TRP B 189 -29.12 3.96 -31.38
C TRP B 189 -29.82 4.39 -32.66
N GLN B 190 -29.45 3.78 -33.79
CA GLN B 190 -30.09 4.13 -35.07
C GLN B 190 -31.48 3.52 -35.22
N GLN B 191 -31.79 2.45 -34.49
CA GLN B 191 -33.14 1.91 -34.46
C GLN B 191 -34.06 2.67 -33.52
N GLY B 192 -33.67 3.88 -33.13
CA GLY B 192 -34.55 4.78 -32.40
C GLY B 192 -34.86 4.39 -30.98
N ASN B 193 -34.21 3.39 -30.41
CA ASN B 193 -34.45 3.03 -29.02
C ASN B 193 -34.11 4.20 -28.11
N VAL B 194 -34.99 4.46 -27.14
CA VAL B 194 -34.89 5.62 -26.28
C VAL B 194 -34.10 5.26 -25.04
N PHE B 195 -33.09 6.07 -24.72
CA PHE B 195 -32.25 5.87 -23.55
C PHE B 195 -32.48 7.02 -22.56
N SER B 196 -32.48 6.68 -21.28
CA SER B 196 -32.71 7.65 -20.21
C SER B 196 -31.50 7.68 -19.27
N CYS B 197 -31.23 8.87 -18.77
CA CYS B 197 -30.21 9.10 -17.74
C CYS B 197 -30.94 9.60 -16.49
N SER B 198 -30.84 8.85 -15.40
CA SER B 198 -31.49 9.21 -14.15
CA SER B 198 -31.48 9.19 -14.14
C SER B 198 -30.45 9.75 -13.16
N VAL B 199 -30.77 10.89 -12.56
CA VAL B 199 -29.89 11.56 -11.60
C VAL B 199 -30.60 11.64 -10.27
N MET B 200 -29.92 11.23 -9.20
CA MET B 200 -30.44 11.31 -7.85
C MET B 200 -29.62 12.30 -7.05
N HIS B 201 -30.28 13.31 -6.49
CA HIS B 201 -29.62 14.37 -5.75
C HIS B 201 -30.63 14.97 -4.80
N GLU B 202 -30.15 15.50 -3.68
CA GLU B 202 -31.08 15.93 -2.64
C GLU B 202 -31.85 17.18 -3.02
N ALA B 203 -31.28 18.04 -3.86
CA ALA B 203 -31.93 19.28 -4.25
C ALA B 203 -32.91 19.11 -5.39
N LEU B 204 -33.17 17.87 -5.82
CA LEU B 204 -34.15 17.59 -6.86
C LEU B 204 -35.47 17.19 -6.21
N HIS B 205 -36.57 17.70 -6.78
CA HIS B 205 -37.90 17.27 -6.36
C HIS B 205 -37.99 15.76 -6.41
N ASN B 206 -38.41 15.16 -5.29
CA ASN B 206 -38.45 13.70 -5.12
C ASN B 206 -37.06 13.07 -5.24
N HIS B 207 -36.02 13.88 -5.10
CA HIS B 207 -34.63 13.43 -5.11
C HIS B 207 -34.22 12.72 -6.39
N TYR B 208 -34.90 13.00 -7.50
CA TYR B 208 -34.46 12.46 -8.78
C TYR B 208 -34.99 13.33 -9.91
N THR B 209 -34.30 13.25 -11.04
CA THR B 209 -34.84 13.69 -12.31
C THR B 209 -34.31 12.76 -13.39
N GLN B 210 -34.98 12.76 -14.53
CA GLN B 210 -34.69 11.83 -15.61
C GLN B 210 -34.82 12.57 -16.93
N LYS B 211 -33.81 12.45 -17.78
CA LYS B 211 -33.81 13.05 -19.11
C LYS B 211 -33.62 11.96 -20.14
N SER B 212 -34.47 11.96 -21.17
CA SER B 212 -34.42 10.97 -22.23
C SER B 212 -33.61 11.50 -23.40
N LEU B 213 -33.24 10.58 -24.28
CA LEU B 213 -32.43 10.92 -25.45
C LEU B 213 -32.57 9.80 -26.46
N SER B 214 -32.91 10.16 -27.70
CA SER B 214 -32.96 9.20 -28.79
C SER B 214 -32.79 9.94 -30.10
N LEU B 215 -32.53 9.19 -31.16
CA LEU B 215 -32.23 9.77 -32.47
C LEU B 215 -33.47 10.46 -33.02
N SER B 216 -33.39 11.79 -33.15
CA SER B 216 -34.42 12.67 -33.71
C SER B 216 -35.81 12.08 -33.87
N ALA C 1 40.56 -32.53 22.93
CA ALA C 1 39.93 -31.35 23.52
C ALA C 1 38.77 -30.86 22.67
N PRO C 2 37.76 -30.27 23.30
CA PRO C 2 36.58 -29.82 22.56
C PRO C 2 36.86 -28.60 21.69
N LYS C 3 35.89 -28.31 20.83
CA LYS C 3 35.95 -27.17 19.93
C LYS C 3 35.74 -25.86 20.68
N ALA C 4 36.36 -24.79 20.18
CA ALA C 4 36.06 -23.46 20.68
C ALA C 4 34.69 -23.02 20.18
N VAL C 5 34.11 -22.03 20.86
CA VAL C 5 32.79 -21.51 20.53
C VAL C 5 32.81 -19.99 20.65
N ILE C 6 32.24 -19.30 19.65
CA ILE C 6 32.11 -17.85 19.67
C ILE C 6 30.73 -17.47 20.19
N LYS C 7 30.70 -16.47 21.07
CA LYS C 7 29.47 -15.90 21.61
C LYS C 7 29.44 -14.41 21.32
N LEU C 8 28.31 -13.92 20.82
CA LEU C 8 28.13 -12.51 20.52
C LEU C 8 27.38 -11.82 21.67
N GLN C 9 27.82 -10.61 22.00
CA GLN C 9 27.13 -9.76 22.97
C GLN C 9 27.06 -8.36 22.40
N PRO C 10 25.87 -7.85 22.03
CA PRO C 10 24.58 -8.56 21.93
C PRO C 10 24.64 -9.74 20.95
N PRO C 11 23.71 -10.70 21.06
CA PRO C 11 23.77 -11.90 20.23
C PRO C 11 23.34 -11.71 18.79
N TRP C 12 22.99 -10.49 18.37
CA TRP C 12 22.43 -10.29 17.04
C TRP C 12 23.51 -10.42 15.98
N VAL C 13 23.31 -11.31 15.00
CA VAL C 13 24.28 -11.51 13.93
C VAL C 13 24.24 -10.41 12.89
N SER C 14 23.28 -9.49 12.97
CA SER C 14 23.20 -8.34 12.08
C SER C 14 23.18 -7.08 12.92
N VAL C 15 24.07 -6.14 12.60
CA VAL C 15 24.15 -4.88 13.34
C VAL C 15 24.21 -3.72 12.35
N PHE C 16 23.96 -2.52 12.86
CA PHE C 16 24.10 -1.30 12.06
C PHE C 16 25.55 -0.85 12.04
N GLN C 17 25.89 -0.07 11.02
CA GLN C 17 27.17 0.60 11.02
C GLN C 17 27.27 1.51 12.23
N GLU C 18 28.48 1.61 12.79
CA GLU C 18 28.81 2.36 14.00
C GLU C 18 28.22 1.76 15.28
N GLU C 19 27.66 0.57 15.21
CA GLU C 19 27.21 -0.10 16.42
C GLU C 19 28.34 -0.96 17.00
N SER C 20 28.11 -1.45 18.21
CA SER C 20 29.12 -2.17 18.98
C SER C 20 28.74 -3.63 19.13
N VAL C 21 29.73 -4.51 19.04
CA VAL C 21 29.53 -5.93 19.29
C VAL C 21 30.83 -6.50 19.85
N THR C 22 30.69 -7.39 20.82
CA THR C 22 31.82 -8.06 21.44
C THR C 22 31.72 -9.55 21.15
N LEU C 23 32.82 -10.14 20.71
CA LEU C 23 32.90 -11.56 20.40
C LEU C 23 33.66 -12.25 21.51
N HIS C 24 33.12 -13.34 22.03
CA HIS C 24 33.72 -14.10 23.12
C HIS C 24 34.13 -15.46 22.60
N CYS C 25 35.42 -15.77 22.72
CA CYS C 25 35.93 -17.10 22.40
C CYS C 25 35.97 -17.90 23.69
N GLU C 26 35.10 -18.90 23.80
CA GLU C 26 34.93 -19.65 25.04
C GLU C 26 35.29 -21.10 24.77
N VAL C 27 36.31 -21.60 25.45
CA VAL C 27 36.70 -23.01 25.40
C VAL C 27 36.21 -23.66 26.69
N PRO C 28 35.43 -24.74 26.62
CA PRO C 28 34.80 -25.28 27.85
C PRO C 28 35.79 -25.57 28.97
N HIS C 29 36.85 -26.33 28.70
CA HIS C 29 37.96 -26.43 29.64
C HIS C 29 38.61 -25.06 29.76
N LEU C 30 38.31 -24.35 30.84
CA LEU C 30 38.76 -22.97 31.00
C LEU C 30 40.28 -22.92 31.06
N PRO C 31 40.93 -22.04 30.30
CA PRO C 31 42.39 -21.98 30.31
C PRO C 31 42.92 -20.72 31.00
N GLY C 32 44.19 -20.77 31.43
CA GLY C 32 44.77 -19.64 32.11
C GLY C 32 45.92 -18.98 31.37
N SER C 33 45.69 -17.75 30.92
CA SER C 33 46.69 -16.90 30.28
C SER C 33 47.18 -17.44 28.94
N SER C 34 46.39 -18.28 28.27
CA SER C 34 46.71 -18.66 26.91
C SER C 34 46.16 -17.61 25.94
N SER C 35 46.86 -17.42 24.83
CA SER C 35 46.44 -16.46 23.83
C SER C 35 45.29 -16.99 23.00
N THR C 36 44.52 -16.06 22.45
CA THR C 36 43.38 -16.40 21.59
C THR C 36 43.68 -15.99 20.16
N GLN C 37 43.50 -16.93 19.24
CA GLN C 37 43.64 -16.66 17.82
C GLN C 37 42.26 -16.32 17.26
N TRP C 38 42.13 -15.13 16.68
CA TRP C 38 40.90 -14.69 16.06
C TRP C 38 41.09 -14.65 14.55
N PHE C 39 40.06 -15.03 13.81
CA PHE C 39 40.11 -15.09 12.36
C PHE C 39 38.88 -14.44 11.77
N LEU C 40 39.07 -13.56 10.79
CA LEU C 40 37.99 -13.03 9.97
C LEU C 40 38.24 -13.49 8.54
N ASN C 41 37.33 -14.32 8.02
CA ASN C 41 37.44 -14.88 6.67
C ASN C 41 38.79 -15.57 6.48
N GLY C 42 39.17 -16.38 7.47
CA GLY C 42 40.42 -17.10 7.44
C GLY C 42 41.66 -16.28 7.74
N THR C 43 41.57 -14.96 7.73
CA THR C 43 42.70 -14.10 8.01
C THR C 43 42.76 -13.78 9.51
N ALA C 44 43.92 -14.01 10.11
CA ALA C 44 44.09 -13.75 11.53
C ALA C 44 43.97 -12.27 11.82
N ILE C 45 43.51 -11.97 13.03
CA ILE C 45 43.29 -10.60 13.51
C ILE C 45 44.30 -10.32 14.61
N GLN C 46 44.76 -9.06 14.68
CA GLN C 46 45.81 -8.70 15.63
C GLN C 46 45.42 -9.03 17.07
N THR C 47 44.15 -8.79 17.42
CA THR C 47 43.67 -9.00 18.78
C THR C 47 43.89 -10.44 19.23
N SER C 48 44.39 -10.60 20.46
CA SER C 48 44.69 -11.91 21.02
C SER C 48 44.04 -12.16 22.38
N THR C 49 43.34 -11.18 22.95
CA THR C 49 42.59 -11.40 24.17
C THR C 49 41.43 -12.38 23.92
N PRO C 50 40.88 -13.00 24.98
CA PRO C 50 39.79 -13.96 24.77
C PRO C 50 38.46 -13.32 24.37
N THR C 51 38.34 -12.01 24.30
CA THR C 51 37.20 -11.37 23.66
C THR C 51 37.68 -10.35 22.65
N TYR C 52 36.86 -10.13 21.62
CA TYR C 52 37.14 -9.19 20.55
C TYR C 52 36.02 -8.17 20.47
N HIS C 53 36.35 -6.89 20.66
CA HIS C 53 35.36 -5.83 20.74
C HIS C 53 35.43 -4.95 19.50
N ILE C 54 34.35 -4.94 18.73
CA ILE C 54 34.17 -4.01 17.62
C ILE C 54 33.49 -2.78 18.19
N THR C 55 34.19 -1.65 18.19
CA THR C 55 33.68 -0.43 18.83
C THR C 55 32.68 0.30 17.95
N SER C 56 33.02 0.47 16.67
CA SER C 56 32.19 1.19 15.70
C SER C 56 32.18 0.35 14.43
N ALA C 57 31.17 -0.52 14.31
CA ALA C 57 31.16 -1.51 13.24
C ALA C 57 31.13 -0.84 11.87
N SER C 58 31.88 -1.42 10.94
CA SER C 58 31.92 -0.99 9.55
C SER C 58 31.74 -2.21 8.67
N GLU C 59 31.69 -1.97 7.36
CA GLU C 59 31.60 -3.06 6.40
C GLU C 59 32.85 -3.95 6.42
N ASP C 60 33.99 -3.44 6.91
CA ASP C 60 35.18 -4.26 7.02
C ASP C 60 35.08 -5.33 8.11
N ASP C 61 34.08 -5.24 8.97
CA ASP C 61 33.90 -6.22 10.04
C ASP C 61 32.94 -7.35 9.66
N SER C 62 32.32 -7.28 8.48
CA SER C 62 31.43 -8.33 8.02
C SER C 62 32.23 -9.53 7.55
N GLY C 63 31.66 -10.71 7.77
CA GLY C 63 32.29 -11.94 7.34
C GLY C 63 32.21 -12.99 8.43
N GLU C 64 32.98 -14.05 8.26
CA GLU C 64 32.94 -15.21 9.14
C GLU C 64 34.06 -15.12 10.17
N TYR C 65 33.68 -15.08 11.44
CA TYR C 65 34.62 -15.10 12.55
C TYR C 65 34.80 -16.51 13.06
N ARG C 66 36.04 -16.87 13.35
CA ARG C 66 36.36 -18.11 14.04
C ARG C 66 37.42 -17.79 15.08
N CYS C 67 37.58 -18.71 16.03
CA CYS C 67 38.53 -18.47 17.11
C CYS C 67 39.05 -19.80 17.60
N GLN C 68 40.11 -19.74 18.39
CA GLN C 68 40.85 -20.91 18.82
C GLN C 68 41.79 -20.49 19.94
N ARG C 69 41.84 -21.28 21.02
CA ARG C 69 42.68 -20.95 22.15
C ARG C 69 43.33 -22.21 22.68
N GLY C 70 44.67 -22.20 22.80
CA GLY C 70 45.40 -23.32 23.36
C GLY C 70 45.34 -24.58 22.52
N LEU C 71 44.84 -25.67 23.11
CA LEU C 71 44.75 -26.93 22.41
C LEU C 71 43.34 -27.24 21.93
N SER C 72 42.48 -26.24 21.85
CA SER C 72 41.13 -26.45 21.34
C SER C 72 41.14 -26.53 19.82
N GLY C 73 40.05 -27.07 19.27
CA GLY C 73 39.82 -26.95 17.86
C GLY C 73 39.35 -25.55 17.50
N ARG C 74 39.58 -25.18 16.25
CA ARG C 74 39.08 -23.90 15.77
C ARG C 74 37.55 -23.93 15.75
N SER C 75 36.94 -22.84 16.23
CA SER C 75 35.50 -22.81 16.44
C SER C 75 34.76 -22.96 15.12
N ASP C 76 33.48 -23.30 15.23
CA ASP C 76 32.58 -23.13 14.10
C ASP C 76 32.42 -21.65 13.79
N PRO C 77 32.27 -21.30 12.51
CA PRO C 77 32.21 -19.88 12.15
C PRO C 77 30.94 -19.20 12.65
N ILE C 78 31.07 -17.90 12.93
CA ILE C 78 29.95 -17.01 13.17
C ILE C 78 29.95 -15.96 12.07
N GLN C 79 28.80 -15.77 11.44
CA GLN C 79 28.67 -14.80 10.37
C GLN C 79 28.07 -13.51 10.93
N LEU C 80 28.81 -12.42 10.78
CA LEU C 80 28.34 -11.09 11.16
C LEU C 80 28.14 -10.26 9.90
N GLU C 81 27.00 -9.57 9.82
CA GLU C 81 26.74 -8.63 8.74
C GLU C 81 26.51 -7.24 9.32
N VAL C 82 27.02 -6.23 8.63
CA VAL C 82 26.88 -4.83 9.02
C VAL C 82 26.11 -4.11 7.92
N HIS C 83 25.00 -3.47 8.29
CA HIS C 83 24.08 -2.88 7.33
C HIS C 83 23.76 -1.44 7.71
N ARG C 84 23.18 -0.74 6.74
CA ARG C 84 22.54 0.55 6.96
C ARG C 84 21.06 0.42 6.67
N GLY C 85 20.27 1.25 7.32
CA GLY C 85 18.83 1.19 7.15
C GLY C 85 18.13 1.85 8.32
N TRP C 86 16.82 2.07 8.13
CA TRP C 86 16.00 2.56 9.22
C TRP C 86 15.76 1.46 10.25
N LEU C 87 15.41 0.28 9.79
CA LEU C 87 15.10 -0.85 10.65
C LEU C 87 15.92 -2.07 10.24
N LEU C 88 16.25 -2.89 11.22
CA LEU C 88 17.04 -4.09 10.98
C LEU C 88 16.38 -5.24 11.71
N LEU C 89 16.08 -6.32 11.00
CA LEU C 89 15.58 -7.50 11.69
C LEU C 89 16.76 -8.30 12.21
N GLN C 90 16.94 -8.30 13.53
CA GLN C 90 18.05 -9.00 14.13
C GLN C 90 17.60 -10.37 14.60
N VAL C 91 18.44 -11.38 14.34
CA VAL C 91 18.20 -12.73 14.79
C VAL C 91 19.41 -13.20 15.57
N SER C 92 19.20 -14.20 16.42
CA SER C 92 20.31 -14.78 17.16
C SER C 92 21.10 -15.76 16.31
N SER C 93 20.42 -16.50 15.43
CA SER C 93 21.11 -17.36 14.49
C SER C 93 20.27 -17.48 13.21
N ARG C 94 20.96 -17.72 12.09
CA ARG C 94 20.29 -17.99 10.83
C ARG C 94 19.88 -19.44 10.68
N VAL C 95 20.53 -20.35 11.39
CA VAL C 95 20.27 -21.78 11.30
C VAL C 95 20.03 -22.31 12.70
N LEU C 96 19.04 -23.19 12.82
CA LEU C 96 18.65 -23.75 14.10
C LEU C 96 18.12 -25.15 13.87
N THR C 97 17.96 -25.88 14.97
CA THR C 97 17.29 -27.16 14.97
C THR C 97 15.96 -27.03 15.69
N GLU C 98 14.99 -27.84 15.26
CA GLU C 98 13.68 -27.93 15.90
C GLU C 98 13.80 -27.99 17.42
N GLY C 99 13.00 -27.17 18.10
CA GLY C 99 13.03 -27.12 19.54
C GLY C 99 14.02 -26.15 20.13
N GLU C 100 14.90 -25.58 19.32
CA GLU C 100 15.80 -24.54 19.81
C GLU C 100 15.15 -23.18 19.65
N PRO C 101 15.15 -22.34 20.68
CA PRO C 101 14.43 -21.06 20.58
C PRO C 101 15.06 -20.14 19.55
N LEU C 102 14.19 -19.31 18.96
CA LEU C 102 14.57 -18.28 18.00
C LEU C 102 14.14 -16.94 18.55
N ALA C 103 15.08 -16.01 18.66
CA ALA C 103 14.80 -14.67 19.17
C ALA C 103 14.90 -13.66 18.04
N LEU C 104 13.94 -12.75 17.98
CA LEU C 104 13.88 -11.75 16.93
C LEU C 104 13.82 -10.36 17.56
N ARG C 105 14.37 -9.38 16.85
CA ARG C 105 14.32 -8.00 17.29
C ARG C 105 14.14 -7.09 16.09
N CYS C 106 13.24 -6.13 16.20
CA CYS C 106 13.07 -5.10 15.18
C CYS C 106 13.86 -3.89 15.68
N HIS C 107 15.10 -3.78 15.22
CA HIS C 107 16.01 -2.78 15.74
C HIS C 107 15.92 -1.50 14.91
N ALA C 108 15.69 -0.38 15.59
CA ALA C 108 15.60 0.91 14.93
C ALA C 108 16.96 1.58 14.90
N TRP C 109 17.26 2.22 13.78
CA TRP C 109 18.52 2.91 13.60
C TRP C 109 18.74 3.92 14.73
N LYS C 110 19.94 3.90 15.31
CA LYS C 110 20.33 4.81 16.40
C LYS C 110 19.42 4.67 17.62
N ASP C 111 18.78 3.50 17.78
CA ASP C 111 17.93 3.21 18.93
C ASP C 111 16.77 4.19 19.07
N LYS C 112 16.30 4.72 17.96
CA LYS C 112 15.14 5.60 18.00
C LYS C 112 13.87 4.79 18.23
N LEU C 113 12.75 5.49 18.37
CA LEU C 113 11.49 4.85 18.73
C LEU C 113 10.64 4.61 17.48
N VAL C 114 10.16 3.38 17.34
CA VAL C 114 9.04 3.07 16.47
C VAL C 114 7.94 2.44 17.30
N TYR C 115 6.72 2.53 16.80
CA TYR C 115 5.58 1.89 17.45
C TYR C 115 4.78 1.15 16.39
N ASN C 116 3.76 0.42 16.85
CA ASN C 116 2.90 -0.39 15.98
C ASN C 116 3.73 -1.25 15.03
N VAL C 117 4.55 -2.10 15.63
CA VAL C 117 5.53 -2.90 14.91
C VAL C 117 4.87 -4.17 14.40
N LEU C 118 5.27 -4.59 13.19
CA LEU C 118 4.85 -5.85 12.62
C LEU C 118 6.07 -6.72 12.36
N TYR C 119 5.97 -8.00 12.71
CA TYR C 119 6.98 -8.99 12.36
C TYR C 119 6.43 -9.85 11.21
N TYR C 120 7.24 -10.03 10.16
CA TYR C 120 6.81 -10.73 8.96
C TYR C 120 7.57 -12.04 8.80
N ARG C 121 6.85 -13.09 8.41
CA ARG C 121 7.47 -14.33 7.93
C ARG C 121 6.98 -14.60 6.51
N ASN C 122 7.94 -14.69 5.57
CA ASN C 122 7.64 -14.98 4.17
C ASN C 122 6.65 -13.99 3.57
N GLY C 123 6.77 -12.72 3.96
CA GLY C 123 5.94 -11.68 3.43
C GLY C 123 4.66 -11.41 4.18
N LYS C 124 4.27 -12.29 5.12
CA LYS C 124 3.03 -12.13 5.85
C LYS C 124 3.32 -11.80 7.31
N ALA C 125 2.77 -10.68 7.78
CA ALA C 125 2.90 -10.29 9.17
C ALA C 125 2.17 -11.28 10.07
N PHE C 126 2.90 -11.84 11.04
CA PHE C 126 2.35 -12.83 11.96
C PHE C 126 2.31 -12.35 13.39
N LYS C 127 2.78 -11.14 13.68
CA LYS C 127 2.76 -10.63 15.04
C LYS C 127 2.75 -9.11 15.01
N PHE C 128 2.01 -8.51 15.93
CA PHE C 128 1.83 -7.07 16.02
C PHE C 128 2.06 -6.62 17.46
N PHE C 129 2.71 -5.48 17.62
CA PHE C 129 3.04 -4.91 18.93
C PHE C 129 2.80 -3.41 18.89
N HIS C 130 2.01 -2.90 19.83
CA HIS C 130 1.81 -1.45 19.90
C HIS C 130 3.14 -0.73 20.17
N TRP C 131 3.93 -1.25 21.09
CA TRP C 131 5.24 -0.70 21.40
C TRP C 131 6.31 -1.68 20.95
N ASN C 132 7.43 -1.15 20.46
CA ASN C 132 8.48 -1.99 19.92
C ASN C 132 8.92 -3.01 20.97
N SER C 133 9.00 -4.26 20.57
CA SER C 133 9.20 -5.35 21.50
C SER C 133 9.90 -6.49 20.76
N ASN C 134 10.82 -7.15 21.44
CA ASN C 134 11.39 -8.35 20.85
C ASN C 134 10.36 -9.46 20.84
N LEU C 135 10.71 -10.54 20.16
CA LEU C 135 9.79 -11.65 19.96
C LEU C 135 10.60 -12.94 19.91
N THR C 136 10.22 -13.90 20.72
CA THR C 136 10.94 -15.15 20.84
C THR C 136 10.00 -16.30 20.57
N ILE C 137 10.39 -17.18 19.65
CA ILE C 137 9.67 -18.41 19.36
C ILE C 137 10.43 -19.54 20.03
N LEU C 138 9.86 -20.10 21.09
CA LEU C 138 10.58 -21.08 21.91
C LEU C 138 10.56 -22.47 21.27
N LYS C 139 9.37 -23.03 21.05
CA LYS C 139 9.24 -24.36 20.46
C LYS C 139 9.18 -24.20 18.94
N THR C 140 10.36 -24.05 18.35
CA THR C 140 10.48 -23.91 16.92
C THR C 140 10.22 -25.23 16.20
N ASN C 141 9.65 -25.14 15.01
CA ASN C 141 9.53 -26.27 14.10
C ASN C 141 9.89 -25.76 12.70
N MET C 142 9.94 -26.69 11.74
CA MET C 142 10.46 -26.32 10.42
C MET C 142 9.57 -25.29 9.73
N SER C 143 8.30 -25.20 10.10
CA SER C 143 7.42 -24.20 9.52
C SER C 143 7.84 -22.78 9.86
N HIS C 144 8.68 -22.60 10.88
CA HIS C 144 9.17 -21.27 11.20
C HIS C 144 10.30 -20.81 10.29
N SER C 145 10.76 -21.67 9.38
CA SER C 145 11.74 -21.27 8.38
C SER C 145 11.11 -20.23 7.45
N GLY C 146 11.91 -19.25 7.06
CA GLY C 146 11.46 -18.31 6.06
C GLY C 146 12.31 -17.06 6.07
N THR C 147 11.86 -16.07 5.31
CA THR C 147 12.45 -14.75 5.29
C THR C 147 11.71 -13.87 6.29
N TYR C 148 12.42 -13.37 7.29
CA TYR C 148 11.85 -12.50 8.29
C TYR C 148 12.23 -11.05 7.99
N HIS C 149 11.28 -10.15 8.20
CA HIS C 149 11.57 -8.72 8.21
C HIS C 149 10.58 -8.08 9.17
N CYS C 150 10.69 -6.76 9.33
CA CYS C 150 9.79 -6.09 10.25
C CYS C 150 9.48 -4.70 9.71
N SER C 151 8.42 -4.11 10.26
CA SER C 151 8.08 -2.72 9.97
C SER C 151 7.63 -2.06 11.27
N GLY C 152 7.66 -0.74 11.26
CA GLY C 152 7.20 0.04 12.40
C GLY C 152 7.05 1.49 11.99
N MET C 153 6.34 2.22 12.84
CA MET C 153 5.97 3.60 12.57
C MET C 153 6.84 4.55 13.38
N GLY C 154 7.65 5.36 12.68
CA GLY C 154 8.29 6.51 13.29
C GLY C 154 7.57 7.76 12.87
N LYS C 155 8.30 8.73 12.30
CA LYS C 155 7.61 9.84 11.63
C LYS C 155 6.92 9.35 10.37
N ARG C 156 7.42 8.29 9.77
CA ARG C 156 6.80 7.58 8.65
C ARG C 156 6.80 6.09 8.97
N ARG C 157 6.18 5.31 8.10
CA ARG C 157 6.25 3.86 8.19
C ARG C 157 7.57 3.39 7.57
N TYR C 158 8.38 2.67 8.34
CA TYR C 158 9.63 2.15 7.85
C TYR C 158 9.63 0.63 7.91
N THR C 159 10.41 0.03 7.02
CA THR C 159 10.42 -1.42 6.81
C THR C 159 11.86 -1.90 6.71
N SER C 160 12.15 -3.04 7.34
CA SER C 160 13.49 -3.59 7.33
C SER C 160 13.71 -4.45 6.09
N ALA C 161 14.97 -4.76 5.83
CA ALA C 161 15.26 -5.75 4.81
C ALA C 161 14.95 -7.14 5.35
N GLY C 162 14.77 -8.08 4.44
CA GLY C 162 14.53 -9.45 4.83
C GLY C 162 15.82 -10.17 5.22
N ILE C 163 15.66 -11.24 5.99
CA ILE C 163 16.77 -12.14 6.30
C ILE C 163 16.20 -13.52 6.53
N SER C 164 16.80 -14.51 5.87
CA SER C 164 16.25 -15.87 5.93
C SER C 164 16.77 -16.61 7.14
N VAL C 165 15.90 -17.45 7.69
CA VAL C 165 16.18 -18.25 8.88
C VAL C 165 15.73 -19.68 8.58
N THR C 166 16.58 -20.64 8.90
CA THR C 166 16.26 -22.05 8.66
C THR C 166 16.18 -22.79 9.98
N VAL C 167 15.10 -23.55 10.15
CA VAL C 167 14.91 -24.42 11.30
C VAL C 167 14.94 -25.84 10.76
N LYS C 168 16.06 -26.52 10.96
CA LYS C 168 16.25 -27.85 10.41
C LYS C 168 15.40 -28.86 11.15
N GLU C 169 14.78 -29.77 10.40
CA GLU C 169 13.98 -30.84 11.00
C GLU C 169 14.89 -31.89 11.63
N LEU C 170 14.51 -32.34 12.82
CA LEU C 170 15.32 -33.32 13.53
C LEU C 170 14.97 -34.76 13.14
N PHE C 171 13.69 -35.05 12.91
CA PHE C 171 13.22 -36.37 12.51
C PHE C 171 11.77 -36.29 12.05
N PRO C 172 11.39 -37.02 11.00
CA PRO C 172 9.99 -36.98 10.55
C PRO C 172 9.02 -37.53 11.58
N ALA C 173 7.73 -37.53 11.24
CA ALA C 173 6.71 -38.01 12.17
C ALA C 173 6.64 -39.54 12.12
N PRO C 174 6.13 -40.17 13.19
CA PRO C 174 6.11 -41.63 13.22
C PRO C 174 4.79 -42.25 12.77
N VAL C 175 4.85 -43.57 12.51
CA VAL C 175 3.72 -44.48 12.42
C VAL C 175 4.24 -45.79 12.98
N LEU C 176 3.44 -46.86 12.94
CA LEU C 176 3.86 -48.15 13.45
C LEU C 176 3.91 -49.17 12.32
N THR C 177 5.06 -49.80 12.13
CA THR C 177 5.28 -50.76 11.05
C THR C 177 4.88 -52.16 11.52
N ALA C 178 3.83 -52.69 10.94
CA ALA C 178 3.44 -54.09 11.17
C ALA C 178 3.11 -54.76 9.84
N LEU C 184 -5.00 -62.24 10.99
CA LEU C 184 -3.96 -62.81 11.83
C LEU C 184 -4.58 -63.84 12.78
N LEU C 185 -3.77 -64.81 13.24
CA LEU C 185 -4.23 -65.88 14.10
C LEU C 185 -3.68 -65.71 15.51
N GLU C 186 -4.53 -65.97 16.50
CA GLU C 186 -4.16 -65.76 17.90
C GLU C 186 -3.17 -66.82 18.35
N GLY C 187 -2.15 -66.37 19.08
CA GLY C 187 -0.92 -67.14 19.22
C GLY C 187 -0.01 -66.70 18.10
N THR C 188 0.77 -65.65 18.35
CA THR C 188 1.17 -64.80 17.24
C THR C 188 2.59 -64.28 17.34
N PRO C 189 3.44 -64.56 16.35
CA PRO C 189 4.73 -63.86 16.25
C PRO C 189 4.51 -62.36 16.12
N VAL C 190 5.41 -61.60 16.72
CA VAL C 190 5.21 -60.15 16.84
C VAL C 190 6.50 -59.42 16.51
N THR C 191 6.46 -58.61 15.46
CA THR C 191 7.54 -57.70 15.09
C THR C 191 6.92 -56.34 14.81
N LEU C 192 7.47 -55.30 15.42
CA LEU C 192 6.87 -53.97 15.42
C LEU C 192 7.96 -52.94 15.68
N SER C 193 7.91 -51.82 14.96
CA SER C 193 8.92 -50.78 15.10
C SER C 193 8.28 -49.40 14.91
N CYS C 194 9.07 -48.36 15.18
CA CYS C 194 8.66 -46.98 14.96
C CYS C 194 9.23 -46.48 13.63
N GLU C 195 8.88 -45.24 13.28
CA GLU C 195 8.93 -44.81 11.89
C GLU C 195 10.01 -43.77 11.59
N THR C 196 10.95 -43.54 12.50
CA THR C 196 11.89 -42.46 12.24
C THR C 196 13.21 -42.69 12.94
N LYS C 197 14.26 -42.09 12.37
CA LYS C 197 15.57 -41.97 12.97
C LYS C 197 16.15 -40.61 12.59
N LEU C 198 17.37 -40.35 13.04
CA LEU C 198 17.95 -39.00 12.96
C LEU C 198 18.05 -38.52 11.52
N LEU C 199 18.01 -37.19 11.37
CA LEU C 199 18.24 -36.52 10.09
C LEU C 199 19.53 -35.72 10.07
N LEU C 200 19.80 -34.95 11.12
CA LEU C 200 21.12 -34.37 11.31
C LEU C 200 22.05 -35.42 11.92
N GLN C 201 23.35 -35.21 11.71
CA GLN C 201 24.36 -36.06 12.35
C GLN C 201 24.45 -35.66 13.82
N ARG C 202 23.54 -36.23 14.60
CA ARG C 202 23.52 -36.00 16.05
C ARG C 202 24.29 -37.10 16.75
N PRO C 203 25.51 -36.82 17.23
CA PRO C 203 26.30 -37.88 17.86
C PRO C 203 25.77 -38.25 19.23
N GLY C 204 25.63 -37.25 20.11
CA GLY C 204 25.21 -37.51 21.47
C GLY C 204 23.74 -37.20 21.74
N LEU C 205 22.86 -37.64 20.84
CA LEU C 205 21.43 -37.46 20.99
C LEU C 205 20.72 -38.74 20.60
N GLN C 206 19.57 -38.99 21.22
CA GLN C 206 18.84 -40.22 20.98
C GLN C 206 17.40 -40.03 21.44
N LEU C 207 16.48 -40.68 20.74
CA LEU C 207 15.04 -40.41 20.78
C LEU C 207 14.32 -41.39 21.71
N TYR C 208 13.22 -40.91 22.30
CA TYR C 208 12.40 -41.70 23.22
C TYR C 208 11.05 -41.98 22.56
N PHE C 209 10.67 -43.25 22.48
CA PHE C 209 9.47 -43.68 21.77
C PHE C 209 8.44 -44.25 22.73
N SER C 210 7.16 -44.08 22.40
CA SER C 210 6.10 -44.61 23.24
C SER C 210 4.96 -45.12 22.36
N PHE C 211 4.09 -45.93 22.96
CA PHE C 211 3.02 -46.61 22.24
C PHE C 211 1.71 -46.42 23.00
N TYR C 212 0.79 -45.65 22.40
CA TYR C 212 -0.46 -45.26 23.04
C TYR C 212 -1.64 -45.69 22.18
N MET C 213 -2.76 -45.98 22.85
CA MET C 213 -4.06 -46.09 22.18
C MET C 213 -5.09 -45.36 23.01
N GLY C 214 -5.69 -44.32 22.43
CA GLY C 214 -6.65 -43.50 23.13
C GLY C 214 -5.97 -43.17 24.44
N SER C 215 -6.67 -43.44 25.54
CA SER C 215 -6.13 -43.23 26.87
C SER C 215 -5.29 -44.34 27.49
N LYS C 216 -5.27 -45.53 26.89
CA LYS C 216 -4.54 -46.66 27.46
C LYS C 216 -3.14 -46.72 26.86
N THR C 217 -2.13 -46.51 27.70
CA THR C 217 -0.74 -46.49 27.25
C THR C 217 0.01 -47.72 27.75
N LEU C 218 1.22 -47.88 27.22
CA LEU C 218 1.97 -49.13 27.33
C LEU C 218 3.37 -48.87 27.87
N ASP C 222 9.18 -44.20 27.19
CA ASP C 222 10.36 -45.03 27.38
C ASP C 222 11.30 -44.89 26.17
N THR C 223 12.57 -45.25 26.35
CA THR C 223 13.50 -45.25 25.22
C THR C 223 13.35 -46.49 24.35
N SER C 224 12.44 -47.40 24.69
CA SER C 224 12.27 -48.65 23.96
C SER C 224 11.97 -48.38 22.49
N SER C 225 12.92 -48.72 21.62
CA SER C 225 12.79 -48.48 20.19
C SER C 225 12.08 -49.61 19.46
N GLU C 226 11.61 -50.62 20.19
CA GLU C 226 10.91 -51.75 19.59
C GLU C 226 9.84 -52.24 20.57
N TYR C 227 8.62 -52.36 20.09
CA TYR C 227 7.49 -52.86 20.87
C TYR C 227 7.15 -54.27 20.44
N GLN C 228 6.69 -55.07 21.41
CA GLN C 228 6.55 -56.50 21.14
C GLN C 228 5.74 -57.24 22.21
N ILE C 229 4.68 -57.93 21.78
CA ILE C 229 3.93 -58.78 22.70
C ILE C 229 4.82 -59.94 23.17
N LEU C 230 4.38 -60.59 24.24
CA LEU C 230 4.90 -61.91 24.59
C LEU C 230 4.75 -62.80 23.37
N THR C 231 3.50 -63.09 23.01
CA THR C 231 3.13 -63.52 21.67
C THR C 231 1.63 -63.27 21.53
N ALA C 232 1.25 -62.55 20.46
CA ALA C 232 0.10 -61.66 20.53
C ALA C 232 -1.20 -62.37 20.88
N ARG C 233 -1.88 -61.86 21.89
CA ARG C 233 -3.23 -62.24 22.24
C ARG C 233 -4.22 -61.68 21.22
N TYR C 240 -3.60 -47.71 17.51
CA TYR C 240 -2.40 -47.48 18.29
C TYR C 240 -1.53 -46.38 17.69
N TRP C 241 -0.55 -45.91 18.47
CA TRP C 241 0.30 -44.80 18.10
C TRP C 241 1.74 -45.06 18.56
N CYS C 242 2.71 -44.70 17.72
CA CYS C 242 4.09 -44.50 18.15
C CYS C 242 4.29 -43.00 18.34
N GLU C 243 4.80 -42.60 19.51
CA GLU C 243 5.08 -41.21 19.81
C GLU C 243 6.58 -41.01 19.90
N ALA C 244 7.11 -40.10 19.09
CA ALA C 244 8.53 -39.82 18.99
C ALA C 244 8.82 -38.44 19.55
N ALA C 245 9.56 -38.38 20.66
CA ALA C 245 9.92 -37.13 21.28
C ALA C 245 11.33 -37.23 21.86
N THR C 246 12.10 -36.15 21.71
CA THR C 246 13.42 -36.08 22.31
C THR C 246 13.31 -36.13 23.84
N GLU C 247 14.46 -36.38 24.48
CA GLU C 247 14.45 -36.44 25.95
C GLU C 247 13.96 -35.13 26.55
N ASP C 248 14.36 -34.00 25.96
CA ASP C 248 13.87 -32.71 26.40
C ASP C 248 12.35 -32.61 26.30
N GLY C 249 11.72 -33.44 25.48
CA GLY C 249 10.29 -33.34 25.29
C GLY C 249 9.87 -32.08 24.58
N ASN C 250 10.71 -31.57 23.68
CA ASN C 250 10.41 -30.36 22.92
C ASN C 250 10.26 -30.59 21.43
N VAL C 251 10.53 -31.79 20.94
CA VAL C 251 10.35 -32.13 19.53
C VAL C 251 9.41 -33.34 19.51
N LEU C 252 8.11 -33.08 19.48
CA LEU C 252 7.09 -34.10 19.63
C LEU C 252 6.52 -34.48 18.27
N LYS C 253 6.45 -35.78 18.00
CA LYS C 253 5.88 -36.30 16.76
C LYS C 253 5.10 -37.57 17.07
N ARG C 254 3.95 -37.72 16.43
CA ARG C 254 3.00 -38.76 16.77
C ARG C 254 2.51 -39.48 15.52
N SER C 255 2.07 -40.72 15.70
CA SER C 255 1.53 -41.53 14.62
C SER C 255 0.02 -41.35 14.46
#